data_4ZR6
#
_entry.id   4ZR6
#
_cell.length_a   68.924
_cell.length_b   78.100
_cell.length_c   120.502
_cell.angle_alpha   90.000
_cell.angle_beta   102.320
_cell.angle_gamma   90.000
#
_symmetry.space_group_name_H-M   'P 1 21 1'
#
loop_
_entity.id
_entity.type
_entity.pdbx_description
1 polymer 'Acetylcholine-binding protein'
2 non-polymer 3-{(4E)-4-[(1-methyl-1H-imidazol-5-yl)methylidene]-3,4-dihydro-2H-pyrrol-5-yl}pyridine
3 water water
#
_entity_poly.entity_id   1
_entity_poly.type   'polypeptide(L)'
_entity_poly.pdbx_seq_one_letter_code
;DYKDDDDKLDRADILYNIRQTSRPDVIPTQRDRPVAVSVSLKFINILEVNEITNEVDVVFWQQTTWSDRTLAWNSSHSPD
QVSVPISSLWVPDLAAYNAISKPEVLTPQLARVVSDGEVLYMPSIRQRFSCDVSGVDTESGATCRIKIGSWTHHSREISV
DPTTENSDDSEYFSQYSRFEILDVTQKKNSVTYSCCPEAYEDVEVSLNFRKKGRSEIL
;
_entity_poly.pdbx_strand_id   A,B,C,D,E
#
# COMPACT_ATOMS: atom_id res chain seq x y z
N ASP A 10 -30.15 -16.24 10.52
CA ASP A 10 -30.71 -16.39 9.17
C ASP A 10 -29.98 -15.50 8.17
N ARG A 11 -29.78 -14.23 8.52
CA ARG A 11 -28.98 -13.34 7.68
C ARG A 11 -27.60 -13.96 7.45
N ALA A 12 -27.08 -14.63 8.48
CA ALA A 12 -25.88 -15.46 8.33
C ALA A 12 -26.13 -16.60 7.35
N ASP A 13 -27.33 -17.16 7.39
CA ASP A 13 -27.64 -18.28 6.53
C ASP A 13 -27.66 -17.85 5.07
N ILE A 14 -28.14 -16.63 4.83
CA ILE A 14 -28.20 -16.09 3.47
C ILE A 14 -26.80 -15.85 2.87
N LEU A 15 -25.87 -15.37 3.68
CA LEU A 15 -24.50 -15.13 3.22
C LEU A 15 -23.79 -16.44 2.91
N TYR A 16 -23.92 -17.41 3.81
CA TYR A 16 -23.34 -18.74 3.60
C TYR A 16 -23.74 -19.29 2.25
N ASN A 17 -25.02 -19.19 1.95
CA ASN A 17 -25.52 -19.60 0.63
C ASN A 17 -24.77 -18.87 -0.46
N ILE A 18 -24.58 -17.57 -0.27
CA ILE A 18 -23.95 -16.72 -1.28
C ILE A 18 -22.52 -17.16 -1.57
N ARG A 19 -21.76 -17.40 -0.51
CA ARG A 19 -20.36 -17.77 -0.64
C ARG A 19 -20.17 -19.02 -1.52
N GLN A 20 -21.12 -19.95 -1.44
CA GLN A 20 -21.04 -21.19 -2.20
C GLN A 20 -21.87 -21.15 -3.50
N THR A 21 -22.39 -19.96 -3.83
CA THR A 21 -23.23 -19.76 -5.01
C THR A 21 -22.68 -18.69 -5.96
N SER A 22 -21.89 -17.75 -5.44
CA SER A 22 -21.22 -16.75 -6.28
C SER A 22 -19.87 -17.20 -6.81
N ARG A 23 -19.75 -17.25 -8.12
CA ARG A 23 -18.43 -17.36 -8.74
C ARG A 23 -17.95 -15.96 -9.10
N PRO A 24 -17.13 -15.37 -8.22
CA PRO A 24 -16.65 -13.99 -8.42
C PRO A 24 -15.95 -13.82 -9.76
N ASP A 25 -15.40 -14.90 -10.28
CA ASP A 25 -14.64 -14.86 -11.55
C ASP A 25 -15.53 -15.13 -12.77
N VAL A 26 -16.81 -15.36 -12.56
CA VAL A 26 -17.68 -15.67 -13.69
C VAL A 26 -18.84 -14.69 -13.82
N ILE A 27 -18.87 -14.02 -14.96
CA ILE A 27 -19.98 -13.16 -15.31
C ILE A 27 -21.24 -14.03 -15.39
N PRO A 28 -22.40 -13.51 -14.96
CA PRO A 28 -23.62 -14.33 -14.96
C PRO A 28 -24.64 -13.95 -16.04
N THR A 29 -24.67 -14.70 -17.15
CA THR A 29 -25.49 -14.34 -18.31
C THR A 29 -26.74 -15.21 -18.47
N ARG A 33 -27.68 -12.76 -24.31
CA ARG A 33 -28.25 -12.10 -23.14
C ARG A 33 -27.19 -11.39 -22.30
N PRO A 34 -26.65 -10.28 -22.81
CA PRO A 34 -25.68 -9.41 -22.14
C PRO A 34 -26.08 -9.02 -20.73
N VAL A 35 -25.14 -8.99 -19.79
CA VAL A 35 -25.47 -8.45 -18.47
C VAL A 35 -25.75 -6.97 -18.63
N ALA A 36 -26.88 -6.54 -18.08
CA ALA A 36 -27.30 -5.15 -18.14
C ALA A 36 -26.81 -4.39 -16.91
N VAL A 37 -25.89 -3.47 -17.11
CA VAL A 37 -25.33 -2.73 -15.98
C VAL A 37 -25.77 -1.28 -16.07
N SER A 38 -26.39 -0.78 -15.00
CA SER A 38 -26.79 0.63 -14.92
C SER A 38 -25.71 1.45 -14.23
N VAL A 39 -25.28 2.55 -14.87
CA VAL A 39 -24.27 3.43 -14.27
C VAL A 39 -24.68 4.89 -14.18
N SER A 40 -24.61 5.46 -12.98
CA SER A 40 -24.81 6.89 -12.82
C SER A 40 -23.87 7.46 -11.77
N LEU A 41 -23.39 8.68 -12.03
CA LEU A 41 -22.51 9.38 -11.12
C LEU A 41 -23.25 10.54 -10.47
N LYS A 42 -23.29 10.57 -9.14
CA LYS A 42 -23.74 11.74 -8.43
C LYS A 42 -22.51 12.45 -7.83
N PHE A 43 -22.20 13.62 -8.37
CA PHE A 43 -21.04 14.40 -7.95
C PHE A 43 -21.12 15.02 -6.55
N ILE A 44 -20.13 14.75 -5.71
CA ILE A 44 -20.07 15.32 -4.37
C ILE A 44 -19.20 16.57 -4.26
N ASN A 45 -18.12 16.61 -5.03
CA ASN A 45 -17.14 17.71 -4.95
C ASN A 45 -16.26 17.81 -6.18
N ILE A 46 -15.88 19.03 -6.54
CA ILE A 46 -14.78 19.21 -7.47
C ILE A 46 -13.68 19.89 -6.66
N LEU A 47 -12.54 19.22 -6.54
CA LEU A 47 -11.50 19.57 -5.60
C LEU A 47 -10.40 20.40 -6.25
N GLU A 48 -9.85 19.88 -7.34
CA GLU A 48 -8.94 20.69 -8.10
C GLU A 48 -9.36 20.76 -9.54
N VAL A 49 -9.07 21.92 -10.14
CA VAL A 49 -9.11 22.10 -11.57
C VAL A 49 -7.82 22.79 -12.02
N ASN A 50 -7.25 22.33 -13.14
CA ASN A 50 -6.03 22.96 -13.67
C ASN A 50 -6.25 23.26 -15.14
N GLU A 51 -6.47 24.55 -15.43
CA GLU A 51 -6.84 25.01 -16.76
C GLU A 51 -5.71 24.81 -17.78
N ILE A 52 -4.46 24.90 -17.31
CA ILE A 52 -3.31 24.69 -18.19
C ILE A 52 -3.08 23.20 -18.54
N THR A 53 -3.19 22.29 -17.57
CA THR A 53 -2.94 20.88 -17.89
C THR A 53 -4.20 20.16 -18.32
N ASN A 54 -5.35 20.81 -18.20
CA ASN A 54 -6.65 20.15 -18.44
C ASN A 54 -6.82 18.91 -17.57
N GLU A 55 -6.69 19.10 -16.27
CA GLU A 55 -6.86 18.03 -15.30
C GLU A 55 -7.86 18.45 -14.24
N VAL A 56 -8.66 17.50 -13.77
CA VAL A 56 -9.69 17.76 -12.79
C VAL A 56 -9.62 16.70 -11.70
N ASP A 57 -9.96 17.10 -10.49
CA ASP A 57 -9.96 16.20 -9.36
C ASP A 57 -11.36 16.21 -8.76
N VAL A 58 -12.05 15.07 -8.77
CA VAL A 58 -13.44 15.06 -8.34
C VAL A 58 -13.78 13.94 -7.36
N VAL A 59 -14.83 14.15 -6.59
CA VAL A 59 -15.36 13.18 -5.64
C VAL A 59 -16.79 12.94 -6.05
N PHE A 60 -17.16 11.66 -6.29
CA PHE A 60 -18.48 11.28 -6.76
C PHE A 60 -19.01 9.94 -6.20
N TRP A 61 -20.33 9.77 -6.20
CA TRP A 61 -20.94 8.49 -5.86
C TRP A 61 -21.17 7.74 -7.15
N GLN A 62 -20.68 6.51 -7.22
CA GLN A 62 -20.86 5.67 -8.41
C GLN A 62 -21.97 4.70 -8.12
N GLN A 63 -23.17 4.99 -8.62
CA GLN A 63 -24.29 4.06 -8.48
C GLN A 63 -24.16 2.99 -9.55
N THR A 64 -23.99 1.75 -9.13
CA THR A 64 -23.85 0.66 -10.07
C THR A 64 -24.84 -0.45 -9.77
N THR A 65 -25.72 -0.79 -10.71
CA THR A 65 -26.66 -1.91 -10.47
C THR A 65 -26.64 -2.93 -11.59
N TRP A 66 -26.86 -4.18 -11.23
CA TRP A 66 -26.94 -5.29 -12.18
C TRP A 66 -27.62 -6.50 -11.51
N SER A 67 -28.17 -7.42 -12.30
CA SER A 67 -28.86 -8.60 -11.72
C SER A 67 -27.99 -9.86 -11.66
N ASP A 68 -28.02 -10.57 -10.53
CA ASP A 68 -27.33 -11.85 -10.38
C ASP A 68 -28.29 -12.93 -9.86
N ARG A 69 -29.18 -13.40 -10.73
CA ARG A 69 -30.31 -14.23 -10.32
C ARG A 69 -29.87 -15.48 -9.55
N THR A 70 -28.69 -15.99 -9.90
CA THR A 70 -28.04 -17.11 -9.19
C THR A 70 -27.99 -16.91 -7.67
N LEU A 71 -28.15 -15.67 -7.24
CA LEU A 71 -27.93 -15.31 -5.85
C LEU A 71 -29.25 -15.17 -5.10
N ALA A 72 -30.34 -15.14 -5.85
CA ALA A 72 -31.67 -14.87 -5.30
C ALA A 72 -32.09 -15.83 -4.18
N TRP A 73 -33.05 -15.41 -3.36
CA TRP A 73 -33.60 -16.27 -2.31
C TRP A 73 -35.07 -15.93 -2.02
N ASN A 74 -35.68 -16.62 -1.06
CA ASN A 74 -37.11 -16.45 -0.74
C ASN A 74 -37.38 -15.39 0.33
N SER A 75 -38.02 -14.29 -0.07
CA SER A 75 -38.14 -13.09 0.78
C SER A 75 -39.14 -13.20 1.95
N SER A 76 -40.17 -14.02 1.79
CA SER A 76 -41.14 -14.26 2.86
C SER A 76 -40.48 -14.91 4.08
N HIS A 77 -40.84 -14.43 5.27
CA HIS A 77 -40.21 -14.86 6.52
C HIS A 77 -38.69 -14.82 6.42
N SER A 78 -38.21 -13.94 5.54
CA SER A 78 -36.78 -13.77 5.29
C SER A 78 -36.44 -12.30 5.11
N PRO A 79 -35.24 -11.89 5.51
CA PRO A 79 -34.80 -10.51 5.26
C PRO A 79 -34.70 -10.25 3.76
N ASP A 80 -35.16 -9.10 3.28
CA ASP A 80 -35.20 -8.85 1.84
C ASP A 80 -33.83 -8.43 1.28
N GLN A 81 -32.97 -7.87 2.13
CA GLN A 81 -31.67 -7.38 1.69
C GLN A 81 -30.54 -7.70 2.66
N VAL A 82 -29.37 -8.01 2.09
CA VAL A 82 -28.15 -8.16 2.87
C VAL A 82 -27.00 -7.32 2.29
N SER A 83 -26.05 -7.00 3.16
CA SER A 83 -24.81 -6.32 2.76
C SER A 83 -23.72 -7.35 2.59
N VAL A 84 -23.11 -7.42 1.40
CA VAL A 84 -22.03 -8.38 1.13
C VAL A 84 -20.74 -7.72 0.64
N PRO A 85 -19.58 -8.18 1.12
CA PRO A 85 -18.28 -7.76 0.59
C PRO A 85 -18.16 -8.03 -0.90
N ILE A 86 -17.79 -7.05 -1.72
CA ILE A 86 -17.64 -7.31 -3.15
C ILE A 86 -16.58 -8.36 -3.48
N SER A 87 -15.67 -8.63 -2.55
CA SER A 87 -14.66 -9.62 -2.86
C SER A 87 -15.35 -10.99 -3.06
N SER A 88 -16.58 -11.12 -2.56
CA SER A 88 -17.31 -12.38 -2.65
C SER A 88 -18.32 -12.43 -3.79
N LEU A 89 -18.44 -11.34 -4.54
CA LEU A 89 -19.37 -11.26 -5.67
C LEU A 89 -18.66 -10.97 -6.98
N TRP A 90 -19.27 -11.35 -8.08
CA TRP A 90 -18.83 -10.85 -9.36
C TRP A 90 -19.18 -9.37 -9.39
N VAL A 91 -18.34 -8.55 -10.00
CA VAL A 91 -18.63 -7.13 -10.13
C VAL A 91 -18.09 -6.66 -11.48
N PRO A 92 -18.85 -5.82 -12.18
CA PRO A 92 -18.41 -5.37 -13.51
C PRO A 92 -17.02 -4.70 -13.54
N ASP A 93 -16.20 -5.05 -14.52
CA ASP A 93 -14.86 -4.48 -14.67
C ASP A 93 -14.91 -3.11 -15.34
N LEU A 94 -15.63 -2.17 -14.71
CA LEU A 94 -15.73 -0.81 -15.26
C LEU A 94 -14.43 -0.07 -15.07
N ALA A 95 -14.12 0.81 -16.01
CA ALA A 95 -12.94 1.65 -15.94
C ALA A 95 -13.26 2.96 -16.62
N ALA A 96 -12.69 4.06 -16.13
CA ALA A 96 -12.84 5.37 -16.79
C ALA A 96 -11.70 5.56 -17.78
N TYR A 97 -11.99 5.72 -19.06
CA TYR A 97 -10.93 5.73 -20.05
C TYR A 97 -10.05 6.95 -19.96
N ASN A 98 -10.57 8.08 -19.48
CA ASN A 98 -9.71 9.28 -19.38
C ASN A 98 -9.25 9.55 -17.94
N ALA A 99 -9.32 8.52 -17.11
CA ALA A 99 -8.71 8.55 -15.79
C ALA A 99 -7.16 8.64 -15.88
N ILE A 100 -6.54 9.44 -15.00
CA ILE A 100 -5.09 9.46 -14.94
C ILE A 100 -4.57 9.20 -13.52
N SER A 101 -5.46 8.74 -12.63
CA SER A 101 -5.05 8.11 -11.37
C SER A 101 -5.97 6.92 -11.09
N LYS A 102 -5.56 6.01 -10.20
CA LYS A 102 -6.48 4.98 -9.71
C LYS A 102 -7.52 5.67 -8.82
N PRO A 103 -8.76 5.14 -8.82
CA PRO A 103 -9.82 5.63 -7.95
C PRO A 103 -9.48 5.36 -6.51
N GLU A 104 -9.48 6.36 -5.64
CA GLU A 104 -9.41 6.06 -4.22
C GLU A 104 -10.84 5.82 -3.75
N VAL A 105 -11.11 4.63 -3.22
CA VAL A 105 -12.44 4.34 -2.70
C VAL A 105 -12.52 4.83 -1.27
N LEU A 106 -13.45 5.73 -1.02
CA LEU A 106 -13.50 6.42 0.27
C LEU A 106 -14.44 5.70 1.23
N THR A 107 -15.18 4.74 0.71
CA THR A 107 -16.22 4.06 1.51
C THR A 107 -15.91 2.58 1.67
N PRO A 108 -16.55 1.92 2.66
CA PRO A 108 -16.49 0.44 2.85
C PRO A 108 -16.96 -0.31 1.60
N GLN A 109 -16.17 -1.24 1.11
CA GLN A 109 -16.49 -1.91 -0.15
C GLN A 109 -17.46 -3.09 0.00
N LEU A 110 -18.69 -2.73 0.38
CA LEU A 110 -19.80 -3.67 0.53
C LEU A 110 -20.84 -3.37 -0.54
N ALA A 111 -21.37 -4.41 -1.17
CA ALA A 111 -22.55 -4.29 -2.01
C ALA A 111 -23.80 -4.56 -1.19
N ARG A 112 -24.97 -4.29 -1.75
CA ARG A 112 -26.18 -4.78 -1.13
C ARG A 112 -26.92 -5.69 -2.08
N VAL A 113 -27.38 -6.82 -1.56
CA VAL A 113 -28.09 -7.80 -2.39
C VAL A 113 -29.55 -7.94 -1.98
N VAL A 114 -30.44 -7.70 -2.95
CA VAL A 114 -31.87 -7.94 -2.81
C VAL A 114 -32.23 -9.40 -3.11
N SER A 115 -33.40 -9.84 -2.65
CA SER A 115 -33.78 -11.25 -2.75
C SER A 115 -33.99 -11.69 -4.20
N ASP A 116 -34.38 -10.76 -5.07
CA ASP A 116 -34.56 -11.08 -6.49
C ASP A 116 -33.26 -11.00 -7.32
N GLY A 117 -32.11 -11.09 -6.65
CA GLY A 117 -30.84 -11.04 -7.36
C GLY A 117 -30.41 -9.70 -7.96
N GLU A 118 -31.08 -8.61 -7.58
CA GLU A 118 -30.67 -7.28 -8.01
C GLU A 118 -29.49 -6.84 -7.13
N VAL A 119 -28.46 -6.24 -7.71
CA VAL A 119 -27.29 -5.86 -6.92
C VAL A 119 -26.92 -4.37 -7.00
N LEU A 120 -26.64 -3.79 -5.84
CA LEU A 120 -26.24 -2.39 -5.76
C LEU A 120 -24.88 -2.22 -5.10
N TYR A 121 -24.00 -1.49 -5.79
CA TYR A 121 -22.70 -1.08 -5.28
C TYR A 121 -22.59 0.44 -5.53
N MET A 122 -22.36 1.20 -4.47
CA MET A 122 -22.30 2.64 -4.60
C MET A 122 -21.15 3.21 -3.78
N PRO A 123 -19.90 3.00 -4.23
CA PRO A 123 -18.78 3.49 -3.43
C PRO A 123 -18.63 5.00 -3.59
N SER A 124 -18.00 5.69 -2.64
CA SER A 124 -17.63 7.06 -2.91
C SER A 124 -16.19 7.06 -3.43
N ILE A 125 -15.99 7.74 -4.55
CA ILE A 125 -14.67 7.71 -5.17
C ILE A 125 -14.05 9.08 -5.39
N ARG A 126 -12.78 9.21 -5.03
CA ARG A 126 -11.99 10.34 -5.48
C ARG A 126 -11.09 9.91 -6.61
N GLN A 127 -11.05 10.69 -7.69
CA GLN A 127 -10.26 10.34 -8.85
C GLN A 127 -9.87 11.56 -9.71
N ARG A 128 -8.75 11.47 -10.41
CA ARG A 128 -8.34 12.56 -11.29
C ARG A 128 -8.49 12.13 -12.76
N PHE A 129 -8.95 13.06 -13.58
CA PHE A 129 -9.20 12.83 -15.00
C PHE A 129 -8.51 13.86 -15.88
N SER A 130 -8.28 13.45 -17.11
CA SER A 130 -7.85 14.32 -18.19
C SER A 130 -9.08 14.73 -18.95
N CYS A 131 -9.41 16.01 -18.95
CA CYS A 131 -10.59 16.45 -19.70
C CYS A 131 -10.53 17.95 -19.95
N ASP A 132 -11.45 18.47 -20.75
CA ASP A 132 -11.39 19.88 -21.13
C ASP A 132 -11.88 20.81 -20.02
N VAL A 133 -10.98 21.66 -19.54
CA VAL A 133 -11.25 22.54 -18.40
C VAL A 133 -11.36 24.03 -18.84
N SER A 134 -11.16 24.29 -20.15
CA SER A 134 -11.31 25.64 -20.67
C SER A 134 -12.69 26.18 -20.35
N GLY A 135 -12.75 27.46 -19.99
CA GLY A 135 -14.01 28.14 -19.74
C GLY A 135 -14.54 28.04 -18.32
N VAL A 136 -13.79 27.39 -17.46
CA VAL A 136 -14.24 27.16 -16.09
C VAL A 136 -14.47 28.48 -15.35
N ASP A 137 -13.77 29.54 -15.76
CA ASP A 137 -14.00 30.85 -15.16
C ASP A 137 -14.98 31.68 -15.97
N THR A 138 -15.52 31.07 -17.02
CA THR A 138 -16.51 31.71 -17.87
C THR A 138 -17.88 31.56 -17.26
N GLU A 139 -18.80 32.45 -17.59
CA GLU A 139 -20.17 32.28 -17.12
C GLU A 139 -20.82 31.05 -17.77
N SER A 140 -20.42 30.75 -19.02
CA SER A 140 -20.86 29.55 -19.73
C SER A 140 -20.40 28.26 -19.06
N GLY A 141 -19.19 28.30 -18.51
CA GLY A 141 -18.62 27.16 -17.81
C GLY A 141 -17.67 26.31 -18.63
N ALA A 142 -17.24 25.23 -18.00
CA ALA A 142 -16.42 24.22 -18.64
C ALA A 142 -17.20 22.92 -18.72
N THR A 143 -16.91 22.09 -19.72
CA THR A 143 -17.61 20.82 -19.84
C THR A 143 -16.65 19.65 -19.84
N CYS A 144 -16.64 18.92 -18.74
CA CYS A 144 -15.71 17.81 -18.56
C CYS A 144 -16.43 16.50 -18.84
N ARG A 145 -15.89 15.73 -19.76
CA ARG A 145 -16.53 14.49 -20.17
C ARG A 145 -15.79 13.28 -19.61
N ILE A 146 -16.47 12.51 -18.78
CA ILE A 146 -15.94 11.23 -18.30
C ILE A 146 -16.62 10.03 -18.99
N LYS A 147 -15.82 9.19 -19.64
CA LYS A 147 -16.33 8.02 -20.35
C LYS A 147 -16.05 6.76 -19.54
N ILE A 148 -17.10 6.02 -19.21
CA ILE A 148 -16.96 4.81 -18.41
C ILE A 148 -17.51 3.57 -19.11
N GLY A 149 -16.81 2.45 -19.04
CA GLY A 149 -17.22 1.23 -19.73
C GLY A 149 -16.55 0.01 -19.15
N SER A 150 -16.94 -1.18 -19.60
CA SER A 150 -16.23 -2.39 -19.20
C SER A 150 -14.87 -2.42 -19.87
N TRP A 151 -13.86 -2.92 -19.19
CA TRP A 151 -12.57 -2.98 -19.88
C TRP A 151 -12.40 -4.26 -20.71
N THR A 152 -12.81 -5.43 -20.23
CA THR A 152 -12.52 -6.63 -21.04
C THR A 152 -13.72 -7.35 -21.63
N HIS A 153 -14.92 -6.80 -21.44
CA HIS A 153 -16.13 -7.40 -21.96
C HIS A 153 -16.74 -6.57 -23.09
N HIS A 154 -17.10 -7.21 -24.20
CA HIS A 154 -17.71 -6.49 -25.32
C HIS A 154 -19.23 -6.42 -25.19
N SER A 155 -19.88 -5.72 -26.12
CA SER A 155 -21.31 -5.49 -26.07
C SER A 155 -22.16 -6.74 -25.80
N ARG A 156 -21.79 -7.87 -26.37
CA ARG A 156 -22.57 -9.10 -26.18
C ARG A 156 -22.42 -9.72 -24.79
N GLU A 157 -21.47 -9.21 -24.01
CA GLU A 157 -21.25 -9.74 -22.66
C GLU A 157 -21.64 -8.69 -21.61
N ILE A 158 -21.44 -7.41 -21.93
CA ILE A 158 -21.87 -6.33 -21.04
C ILE A 158 -22.38 -5.13 -21.80
N SER A 159 -23.59 -4.68 -21.46
CA SER A 159 -24.03 -3.34 -21.90
C SER A 159 -24.09 -2.38 -20.71
N VAL A 160 -23.59 -1.16 -20.91
CA VAL A 160 -23.75 -0.11 -19.89
C VAL A 160 -24.87 0.83 -20.30
N ASP A 161 -25.80 1.05 -19.39
CA ASP A 161 -26.89 1.99 -19.63
C ASP A 161 -26.84 3.11 -18.61
N PRO A 162 -27.05 4.35 -19.04
CA PRO A 162 -27.20 5.37 -18.02
C PRO A 162 -28.65 5.42 -17.60
N THR A 163 -28.90 5.42 -16.30
CA THR A 163 -30.21 5.81 -15.80
C THR A 163 -30.57 7.24 -16.26
N ASP A 169 -27.49 17.36 -11.60
CA ASP A 169 -27.99 17.88 -10.33
C ASP A 169 -26.90 18.23 -9.31
N SER A 170 -27.15 19.31 -8.58
CA SER A 170 -26.30 19.78 -7.51
C SER A 170 -26.83 19.34 -6.16
N GLU A 171 -27.48 18.20 -6.10
CA GLU A 171 -28.32 17.88 -4.95
C GLU A 171 -27.53 17.44 -3.73
N TYR A 172 -26.44 16.74 -3.97
CA TYR A 172 -25.58 16.30 -2.88
C TYR A 172 -24.24 17.02 -2.98
N PHE A 173 -24.12 17.90 -3.97
CA PHE A 173 -22.89 18.63 -4.23
C PHE A 173 -22.55 19.61 -3.10
N SER A 174 -21.27 19.67 -2.74
CA SER A 174 -20.83 20.35 -1.53
C SER A 174 -21.00 21.85 -1.61
N GLN A 175 -21.69 22.43 -0.61
CA GLN A 175 -21.81 23.88 -0.50
C GLN A 175 -20.43 24.55 -0.44
N TYR A 176 -19.43 23.84 0.06
CA TYR A 176 -18.11 24.45 0.29
C TYR A 176 -17.09 24.24 -0.83
N SER A 177 -17.56 23.76 -1.97
CA SER A 177 -16.69 23.63 -3.12
C SER A 177 -16.41 25.01 -3.73
N ARG A 178 -15.24 25.21 -4.34
CA ARG A 178 -14.99 26.45 -5.06
C ARG A 178 -15.82 26.52 -6.33
N PHE A 179 -16.46 25.42 -6.71
CA PHE A 179 -17.19 25.38 -7.98
C PHE A 179 -18.67 25.05 -7.78
N GLU A 180 -19.48 25.30 -8.81
CA GLU A 180 -20.88 24.92 -8.81
C GLU A 180 -21.22 24.19 -10.10
N ILE A 181 -22.19 23.29 -10.02
CA ILE A 181 -22.63 22.51 -11.17
C ILE A 181 -23.80 23.19 -11.87
N LEU A 182 -23.61 23.51 -13.15
CA LEU A 182 -24.68 23.98 -14.02
C LEU A 182 -25.57 22.83 -14.48
N ASP A 183 -24.95 21.75 -14.94
CA ASP A 183 -25.68 20.65 -15.56
C ASP A 183 -24.86 19.35 -15.59
N VAL A 184 -25.54 18.23 -15.45
CA VAL A 184 -24.93 16.94 -15.65
C VAL A 184 -25.76 16.15 -16.62
N THR A 185 -25.14 15.61 -17.67
CA THR A 185 -25.87 14.78 -18.62
C THR A 185 -25.14 13.50 -18.97
N GLN A 186 -25.88 12.44 -19.27
CA GLN A 186 -25.26 11.17 -19.60
C GLN A 186 -25.74 10.67 -20.95
N LYS A 187 -24.84 10.11 -21.75
CA LYS A 187 -25.22 9.48 -23.02
C LYS A 187 -24.61 8.09 -23.14
N LYS A 188 -25.13 7.27 -24.06
CA LYS A 188 -24.52 5.96 -24.33
C LYS A 188 -23.71 6.04 -25.64
N ASN A 189 -22.61 5.30 -25.67
CA ASN A 189 -21.83 5.14 -26.87
C ASN A 189 -21.43 3.68 -27.12
N SER A 190 -21.22 3.33 -28.39
CA SER A 190 -20.54 2.09 -28.75
C SER A 190 -19.27 2.49 -29.48
N VAL A 191 -18.19 1.78 -29.19
CA VAL A 191 -16.94 2.07 -29.88
C VAL A 191 -16.22 0.77 -30.23
N THR A 192 -15.68 0.72 -31.45
CA THR A 192 -14.82 -0.39 -31.86
C THR A 192 -13.43 0.19 -32.01
N TYR A 193 -12.47 -0.42 -31.34
CA TYR A 193 -11.10 0.06 -31.41
C TYR A 193 -10.37 -0.68 -32.52
N SER A 194 -9.24 -0.13 -32.96
CA SER A 194 -8.52 -0.71 -34.09
C SER A 194 -8.05 -2.13 -33.80
N CYS A 195 -7.50 -2.32 -32.60
CA CYS A 195 -6.87 -3.59 -32.20
C CYS A 195 -7.77 -4.81 -32.32
N CYS A 196 -9.05 -4.63 -32.03
CA CYS A 196 -9.99 -5.74 -31.85
C CYS A 196 -11.36 -5.39 -32.45
N PRO A 197 -12.08 -6.37 -33.01
CA PRO A 197 -13.26 -6.04 -33.81
C PRO A 197 -14.56 -6.02 -33.01
N GLU A 198 -14.51 -6.51 -31.77
CA GLU A 198 -15.64 -6.42 -30.87
C GLU A 198 -15.95 -4.95 -30.52
N ALA A 199 -17.17 -4.72 -30.02
CA ALA A 199 -17.60 -3.37 -29.68
C ALA A 199 -17.73 -3.19 -28.18
N TYR A 200 -17.35 -2.00 -27.71
CA TYR A 200 -17.40 -1.70 -26.29
C TYR A 200 -18.32 -0.53 -26.05
N GLU A 201 -19.26 -0.73 -25.14
CA GLU A 201 -20.23 0.29 -24.78
C GLU A 201 -19.66 1.15 -23.65
N ASP A 202 -19.87 2.46 -23.72
CA ASP A 202 -19.50 3.33 -22.60
C ASP A 202 -20.59 4.35 -22.28
N VAL A 203 -20.69 4.75 -21.02
CA VAL A 203 -21.54 5.87 -20.68
C VAL A 203 -20.68 7.12 -20.55
N GLU A 204 -20.96 8.14 -21.37
CA GLU A 204 -20.24 9.41 -21.33
C GLU A 204 -20.98 10.42 -20.46
N VAL A 205 -20.40 10.75 -19.31
CA VAL A 205 -21.00 11.72 -18.38
C VAL A 205 -20.43 13.12 -18.57
N SER A 206 -21.28 14.11 -18.82
CA SER A 206 -20.78 15.46 -19.09
C SER A 206 -21.05 16.37 -17.93
N LEU A 207 -19.99 17.00 -17.45
CA LEU A 207 -20.07 17.86 -16.29
C LEU A 207 -19.88 19.29 -16.76
N ASN A 208 -20.96 20.08 -16.74
CA ASN A 208 -20.89 21.52 -16.93
C ASN A 208 -20.81 22.15 -15.54
N PHE A 209 -19.66 22.77 -15.25
CA PHE A 209 -19.42 23.45 -13.98
C PHE A 209 -18.64 24.73 -14.22
N ARG A 210 -18.56 25.56 -13.17
CA ARG A 210 -17.74 26.77 -13.21
C ARG A 210 -17.32 27.19 -11.80
N LYS A 211 -16.25 27.95 -11.72
CA LYS A 211 -15.91 28.60 -10.46
C LYS A 211 -17.06 29.52 -10.15
N LYS A 212 -17.50 29.52 -8.89
CA LYS A 212 -18.51 30.48 -8.45
C LYS A 212 -18.05 31.90 -8.75
N ARG B 11 -19.39 -21.66 -19.16
CA ARG B 11 -18.31 -20.70 -18.93
C ARG B 11 -17.71 -20.86 -17.54
N ALA B 12 -18.50 -21.29 -16.57
CA ALA B 12 -17.96 -21.55 -15.24
C ALA B 12 -16.98 -22.71 -15.31
N ASP B 13 -17.28 -23.64 -16.20
CA ASP B 13 -16.45 -24.84 -16.33
C ASP B 13 -15.07 -24.50 -16.90
N ILE B 14 -15.01 -23.61 -17.90
CA ILE B 14 -13.75 -23.18 -18.47
C ILE B 14 -12.79 -22.55 -17.43
N LEU B 15 -13.33 -21.68 -16.57
CA LEU B 15 -12.53 -21.09 -15.51
C LEU B 15 -12.08 -22.19 -14.56
N TYR B 16 -12.94 -23.19 -14.34
CA TYR B 16 -12.57 -24.28 -13.45
C TYR B 16 -11.40 -25.06 -13.99
N ASN B 17 -11.40 -25.31 -15.29
CA ASN B 17 -10.28 -26.01 -15.92
C ASN B 17 -9.01 -25.19 -15.81
N ILE B 18 -9.10 -23.94 -16.27
CA ILE B 18 -7.97 -23.01 -16.21
C ILE B 18 -7.39 -22.97 -14.80
N ARG B 19 -8.24 -22.78 -13.80
CA ARG B 19 -7.76 -22.85 -12.41
C ARG B 19 -7.11 -24.21 -12.19
N GLN B 20 -7.67 -25.24 -12.81
CA GLN B 20 -7.18 -26.61 -12.62
C GLN B 20 -5.80 -26.86 -13.25
N THR B 21 -5.61 -26.43 -14.50
CA THR B 21 -4.36 -26.80 -15.20
C THR B 21 -3.32 -25.66 -15.33
N SER B 22 -3.74 -24.41 -15.14
CA SER B 22 -2.82 -23.27 -15.29
C SER B 22 -1.75 -23.17 -14.21
N ARG B 23 -0.50 -22.96 -14.63
CA ARG B 23 0.63 -22.84 -13.71
C ARG B 23 1.29 -21.46 -13.76
N PRO B 24 0.73 -20.47 -13.04
CA PRO B 24 1.21 -19.07 -13.03
C PRO B 24 2.72 -18.89 -12.82
N ASP B 25 3.41 -19.80 -12.15
CA ASP B 25 4.85 -19.63 -11.91
C ASP B 25 5.76 -20.31 -12.92
N VAL B 26 5.19 -21.03 -13.89
CA VAL B 26 5.97 -21.84 -14.83
C VAL B 26 5.87 -21.30 -16.25
N ILE B 27 6.98 -20.91 -16.86
CA ILE B 27 6.91 -20.37 -18.21
C ILE B 27 6.42 -21.47 -19.16
N PRO B 28 5.42 -21.16 -19.97
CA PRO B 28 4.82 -22.22 -20.80
C PRO B 28 5.53 -22.38 -22.13
N THR B 29 6.81 -22.77 -22.10
CA THR B 29 7.60 -23.03 -23.30
C THR B 29 7.20 -24.37 -23.94
N GLN B 30 7.05 -24.35 -25.27
CA GLN B 30 6.74 -25.56 -26.03
C GLN B 30 8.00 -26.08 -26.69
N ARG B 31 8.18 -27.40 -26.67
CA ARG B 31 9.42 -28.00 -27.16
C ARG B 31 10.61 -27.38 -26.46
N ASP B 32 11.58 -26.92 -27.25
CA ASP B 32 12.75 -26.24 -26.71
C ASP B 32 12.76 -24.75 -27.05
N ARG B 33 11.71 -24.29 -27.73
CA ARG B 33 11.67 -22.93 -28.25
C ARG B 33 11.22 -21.96 -27.18
N PRO B 34 11.53 -20.67 -27.34
CA PRO B 34 11.12 -19.67 -26.35
C PRO B 34 9.66 -19.28 -26.58
N VAL B 35 9.04 -18.62 -25.59
CA VAL B 35 7.69 -18.06 -25.77
C VAL B 35 7.77 -16.72 -26.53
N ALA B 36 7.02 -16.63 -27.62
CA ALA B 36 6.97 -15.42 -28.43
C ALA B 36 6.04 -14.39 -27.80
N VAL B 37 6.58 -13.29 -27.28
CA VAL B 37 5.73 -12.27 -26.67
C VAL B 37 5.64 -11.02 -27.54
N SER B 38 4.43 -10.65 -27.92
CA SER B 38 4.26 -9.40 -28.68
C SER B 38 3.97 -8.24 -27.74
N VAL B 39 4.70 -7.14 -27.94
CA VAL B 39 4.49 -5.93 -27.16
C VAL B 39 4.36 -4.70 -28.04
N SER B 40 3.50 -3.76 -27.66
CA SER B 40 3.34 -2.49 -28.36
C SER B 40 2.67 -1.51 -27.43
N LEU B 41 3.14 -0.26 -27.43
CA LEU B 41 2.53 0.78 -26.64
C LEU B 41 1.63 1.71 -27.47
N LYS B 42 0.42 1.95 -26.95
CA LYS B 42 -0.47 2.97 -27.46
C LYS B 42 -0.44 4.20 -26.53
N PHE B 43 0.15 5.30 -26.99
CA PHE B 43 0.28 6.43 -26.10
C PHE B 43 -1.01 7.22 -25.99
N ILE B 44 -1.45 7.46 -24.74
CA ILE B 44 -2.71 8.11 -24.47
C ILE B 44 -2.57 9.57 -23.98
N ASN B 45 -1.50 9.86 -23.25
CA ASN B 45 -1.40 11.13 -22.58
C ASN B 45 0.01 11.32 -22.09
N ILE B 46 0.58 12.49 -22.33
CA ILE B 46 1.84 12.87 -21.72
C ILE B 46 1.47 13.94 -20.72
N LEU B 47 1.83 13.76 -19.45
CA LEU B 47 1.26 14.56 -18.39
C LEU B 47 2.24 15.54 -17.79
N GLU B 48 3.47 15.11 -17.57
CA GLU B 48 4.47 16.04 -17.06
C GLU B 48 5.78 15.77 -17.76
N VAL B 49 6.63 16.79 -17.74
CA VAL B 49 7.86 16.82 -18.48
C VAL B 49 8.81 17.68 -17.67
N ASN B 50 10.06 17.26 -17.58
CA ASN B 50 11.04 18.09 -16.91
C ASN B 50 12.34 18.08 -17.69
N GLU B 51 12.50 19.07 -18.58
CA GLU B 51 13.66 19.17 -19.45
C GLU B 51 14.93 19.36 -18.63
N ILE B 52 14.79 19.93 -17.44
CA ILE B 52 15.93 20.05 -16.56
C ILE B 52 16.41 18.68 -16.10
N THR B 53 15.53 17.89 -15.50
CA THR B 53 15.90 16.55 -15.00
C THR B 53 15.77 15.43 -16.04
N ASN B 54 15.22 15.73 -17.21
CA ASN B 54 15.08 14.69 -18.24
C ASN B 54 14.14 13.56 -17.83
N GLU B 55 12.96 13.92 -17.35
CA GLU B 55 12.00 12.95 -16.85
C GLU B 55 10.62 13.23 -17.41
N VAL B 56 9.87 12.17 -17.68
CA VAL B 56 8.55 12.30 -18.26
C VAL B 56 7.58 11.39 -17.53
N ASP B 57 6.31 11.77 -17.55
CA ASP B 57 5.25 11.00 -16.90
C ASP B 57 4.19 10.75 -17.96
N VAL B 58 3.98 9.51 -18.36
CA VAL B 58 3.02 9.26 -19.42
C VAL B 58 1.99 8.19 -19.12
N VAL B 59 0.92 8.20 -19.91
CA VAL B 59 -0.14 7.23 -19.81
C VAL B 59 -0.20 6.50 -21.14
N PHE B 60 -0.19 5.17 -21.09
CA PHE B 60 -0.21 4.36 -22.32
C PHE B 60 -0.92 3.05 -22.09
N TRP B 61 -1.41 2.46 -23.16
CA TRP B 61 -1.94 1.11 -23.15
C TRP B 61 -0.85 0.21 -23.61
N GLN B 62 -0.64 -0.86 -22.87
CA GLN B 62 0.42 -1.81 -23.18
C GLN B 62 -0.14 -3.13 -23.68
N GLN B 63 -0.26 -3.29 -25.00
CA GLN B 63 -0.79 -4.55 -25.55
C GLN B 63 0.29 -5.64 -25.53
N THR B 64 0.03 -6.67 -24.74
CA THR B 64 0.95 -7.79 -24.56
C THR B 64 0.24 -9.06 -24.90
N THR B 65 0.77 -9.84 -25.83
CA THR B 65 0.08 -11.03 -26.24
C THR B 65 1.06 -12.19 -26.40
N TRP B 66 0.57 -13.42 -26.21
CA TRP B 66 1.41 -14.63 -26.25
C TRP B 66 0.54 -15.87 -26.23
N SER B 67 1.12 -17.06 -26.32
CA SER B 67 0.29 -18.29 -26.33
C SER B 67 0.62 -19.22 -25.19
N ASP B 68 -0.42 -19.82 -24.63
CA ASP B 68 -0.27 -20.80 -23.56
C ASP B 68 -1.28 -21.91 -23.82
N ARG B 69 -0.80 -23.07 -24.25
CA ARG B 69 -1.70 -24.12 -24.73
C ARG B 69 -2.22 -25.03 -23.63
N THR B 70 -1.68 -24.92 -22.42
CA THR B 70 -2.23 -25.65 -21.29
C THR B 70 -3.61 -25.09 -20.87
N LEU B 71 -4.05 -24.04 -21.57
CA LEU B 71 -5.29 -23.34 -21.24
C LEU B 71 -6.42 -23.62 -22.24
N ALA B 72 -6.07 -24.13 -23.41
CA ALA B 72 -7.01 -24.28 -24.51
C ALA B 72 -8.22 -25.15 -24.16
N TRP B 73 -9.34 -24.88 -24.82
CA TRP B 73 -10.53 -25.73 -24.71
C TRP B 73 -11.11 -25.91 -26.09
N ASN B 74 -11.96 -26.93 -26.24
CA ASN B 74 -12.64 -27.17 -27.51
C ASN B 74 -13.70 -26.12 -27.74
N SER B 75 -13.44 -25.22 -28.69
CA SER B 75 -14.32 -24.09 -28.98
C SER B 75 -15.81 -24.45 -29.03
N SER B 78 -19.81 -24.03 -26.83
CA SER B 78 -19.13 -23.17 -25.87
C SER B 78 -18.50 -21.96 -26.57
N PRO B 79 -18.23 -20.87 -25.82
CA PRO B 79 -17.76 -19.61 -26.42
C PRO B 79 -16.24 -19.54 -26.64
N ASP B 80 -15.84 -18.67 -27.56
CA ASP B 80 -14.44 -18.52 -27.94
C ASP B 80 -13.54 -17.87 -26.88
N GLN B 81 -14.07 -16.94 -26.09
CA GLN B 81 -13.23 -16.22 -25.12
C GLN B 81 -13.80 -16.13 -23.72
N VAL B 82 -12.91 -15.90 -22.76
CA VAL B 82 -13.30 -15.57 -21.42
C VAL B 82 -12.33 -14.55 -20.82
N SER B 83 -12.80 -13.76 -19.86
CA SER B 83 -11.95 -12.86 -19.11
C SER B 83 -11.45 -13.55 -17.83
N VAL B 84 -10.15 -13.49 -17.58
CA VAL B 84 -9.54 -14.10 -16.40
C VAL B 84 -8.71 -13.09 -15.60
N PRO B 85 -8.69 -13.23 -14.27
CA PRO B 85 -7.71 -12.51 -13.45
C PRO B 85 -6.30 -12.93 -13.82
N ILE B 86 -5.39 -11.98 -14.09
CA ILE B 86 -4.03 -12.38 -14.47
C ILE B 86 -3.37 -13.16 -13.34
N SER B 87 -3.85 -12.98 -12.11
CA SER B 87 -3.35 -13.76 -11.00
C SER B 87 -3.54 -15.25 -11.24
N SER B 88 -4.40 -15.59 -12.19
CA SER B 88 -4.70 -16.98 -12.48
C SER B 88 -3.78 -17.56 -13.54
N LEU B 89 -2.94 -16.72 -14.12
CA LEU B 89 -2.14 -17.15 -15.26
C LEU B 89 -0.69 -16.74 -15.12
N TRP B 90 0.19 -17.54 -15.70
CA TRP B 90 1.52 -17.07 -16.03
C TRP B 90 1.44 -15.80 -16.85
N VAL B 91 2.22 -14.78 -16.48
CA VAL B 91 2.25 -13.53 -17.27
C VAL B 91 3.71 -13.18 -17.53
N PRO B 92 4.04 -12.71 -18.72
CA PRO B 92 5.47 -12.41 -18.95
C PRO B 92 5.96 -11.29 -18.02
N ASP B 93 7.17 -11.44 -17.47
CA ASP B 93 7.68 -10.48 -16.51
C ASP B 93 8.42 -9.29 -17.17
N LEU B 94 7.74 -8.61 -18.08
CA LEU B 94 8.34 -7.47 -18.77
C LEU B 94 8.63 -6.38 -17.76
N ALA B 95 9.76 -5.71 -17.94
CA ALA B 95 10.08 -4.47 -17.22
C ALA B 95 10.62 -3.39 -18.21
N ALA B 96 10.35 -2.12 -17.93
CA ALA B 96 10.92 -1.02 -18.72
C ALA B 96 12.21 -0.59 -18.04
N TYR B 97 13.35 -0.77 -18.71
CA TYR B 97 14.65 -0.53 -18.07
C TYR B 97 14.90 0.91 -17.60
N ASN B 98 14.37 1.90 -18.32
CA ASN B 98 14.60 3.28 -17.92
C ASN B 98 13.38 3.86 -17.17
N ALA B 99 12.61 2.95 -16.56
CA ALA B 99 11.53 3.35 -15.67
C ALA B 99 12.11 3.98 -14.41
N ILE B 100 11.50 5.01 -13.86
CA ILE B 100 11.95 5.45 -12.55
C ILE B 100 10.83 5.41 -11.53
N SER B 101 9.67 4.88 -11.93
CA SER B 101 8.61 4.56 -10.98
C SER B 101 7.99 3.18 -11.27
N LYS B 102 7.31 2.60 -10.29
CA LYS B 102 6.48 1.43 -10.56
C LYS B 102 5.35 1.79 -11.51
N PRO B 103 4.92 0.83 -12.35
CA PRO B 103 3.72 1.04 -13.18
C PRO B 103 2.52 1.27 -12.28
N GLU B 104 1.73 2.31 -12.48
CA GLU B 104 0.43 2.39 -11.80
C GLU B 104 -0.63 1.88 -12.78
N VAL B 105 -1.17 0.68 -12.55
CA VAL B 105 -2.18 0.10 -13.44
C VAL B 105 -3.57 0.67 -13.16
N LEU B 106 -4.20 1.21 -14.18
CA LEU B 106 -5.40 2.04 -14.04
C LEU B 106 -6.70 1.30 -14.36
N THR B 107 -6.57 0.16 -15.01
CA THR B 107 -7.69 -0.66 -15.39
C THR B 107 -7.72 -1.93 -14.56
N PRO B 108 -8.85 -2.66 -14.57
CA PRO B 108 -8.93 -3.96 -13.90
C PRO B 108 -7.87 -4.90 -14.44
N GLN B 109 -7.21 -5.64 -13.56
CA GLN B 109 -6.16 -6.54 -14.00
C GLN B 109 -6.74 -7.86 -14.51
N LEU B 110 -7.36 -7.78 -15.70
CA LEU B 110 -7.97 -8.93 -16.34
C LEU B 110 -7.39 -9.17 -17.70
N ALA B 111 -7.16 -10.45 -17.99
CA ALA B 111 -6.63 -10.91 -19.26
C ALA B 111 -7.73 -11.59 -20.06
N ARG B 112 -7.71 -11.40 -21.37
CA ARG B 112 -8.63 -12.10 -22.27
C ARG B 112 -7.99 -13.41 -22.74
N VAL B 113 -8.72 -14.52 -22.67
CA VAL B 113 -8.18 -15.78 -23.17
C VAL B 113 -8.99 -16.34 -24.33
N VAL B 114 -8.35 -16.51 -25.48
CA VAL B 114 -9.02 -17.18 -26.61
C VAL B 114 -8.94 -18.70 -26.42
N SER B 115 -9.78 -19.46 -27.10
CA SER B 115 -9.84 -20.91 -26.91
C SER B 115 -8.59 -21.63 -27.41
N ASP B 116 -7.99 -21.08 -28.46
CA ASP B 116 -6.78 -21.64 -29.03
C ASP B 116 -5.56 -21.46 -28.10
N GLY B 117 -5.72 -20.69 -27.04
CA GLY B 117 -4.61 -20.48 -26.12
C GLY B 117 -3.98 -19.09 -26.19
N GLU B 118 -4.36 -18.29 -27.19
CA GLU B 118 -3.88 -16.93 -27.26
C GLU B 118 -4.30 -16.16 -25.99
N VAL B 119 -3.37 -15.46 -25.37
CA VAL B 119 -3.74 -14.63 -24.23
C VAL B 119 -3.47 -13.19 -24.60
N LEU B 120 -4.40 -12.29 -24.28
CA LEU B 120 -4.19 -10.86 -24.49
C LEU B 120 -4.42 -10.07 -23.19
N TYR B 121 -3.39 -9.37 -22.73
CA TYR B 121 -3.46 -8.50 -21.56
C TYR B 121 -3.09 -7.07 -22.00
N MET B 122 -3.98 -6.11 -21.78
CA MET B 122 -3.71 -4.72 -22.18
C MET B 122 -4.09 -3.68 -21.14
N PRO B 123 -3.26 -3.50 -20.11
CA PRO B 123 -3.72 -2.55 -19.10
C PRO B 123 -3.42 -1.11 -19.51
N SER B 124 -4.11 -0.15 -18.91
CA SER B 124 -3.69 1.24 -19.07
C SER B 124 -2.70 1.52 -17.96
N ILE B 125 -1.56 2.10 -18.30
CA ILE B 125 -0.51 2.28 -17.30
C ILE B 125 -0.07 3.74 -17.22
N ARG B 126 0.14 4.19 -15.99
CA ARG B 126 0.81 5.44 -15.79
C ARG B 126 2.19 5.20 -15.17
N GLN B 127 3.23 5.68 -15.85
CA GLN B 127 4.62 5.52 -15.37
C GLN B 127 5.54 6.72 -15.69
N ARG B 128 6.52 6.98 -14.82
CA ARG B 128 7.54 7.97 -15.08
C ARG B 128 8.83 7.29 -15.57
N PHE B 129 9.40 7.85 -16.63
CA PHE B 129 10.61 7.35 -17.23
C PHE B 129 11.75 8.35 -17.15
N SER B 130 12.99 7.86 -17.25
CA SER B 130 14.18 8.73 -17.42
C SER B 130 14.65 8.63 -18.85
N CYS B 131 14.54 9.73 -19.59
CA CYS B 131 14.83 9.71 -21.02
C CYS B 131 15.26 11.11 -21.44
N ASP B 132 15.45 11.34 -22.73
CA ASP B 132 15.92 12.65 -23.22
C ASP B 132 14.79 13.61 -23.45
N VAL B 133 14.73 14.65 -22.63
CA VAL B 133 13.69 15.65 -22.76
C VAL B 133 14.25 16.90 -23.45
N SER B 134 15.57 16.95 -23.60
CA SER B 134 16.24 18.08 -24.24
C SER B 134 15.59 18.44 -25.58
N GLY B 135 15.01 19.64 -25.63
CA GLY B 135 14.48 20.18 -26.86
C GLY B 135 12.98 20.06 -27.02
N VAL B 136 12.28 19.60 -25.99
CA VAL B 136 10.86 19.30 -26.10
C VAL B 136 10.03 20.53 -26.54
N ASP B 137 10.45 21.69 -26.06
CA ASP B 137 9.85 22.98 -26.42
C ASP B 137 10.11 23.34 -27.89
N THR B 138 11.33 23.09 -28.34
CA THR B 138 11.74 23.23 -29.75
C THR B 138 10.77 22.65 -30.80
N GLU B 139 10.91 23.12 -32.04
CA GLU B 139 10.13 22.62 -33.17
C GLU B 139 10.44 21.15 -33.37
N SER B 140 11.70 20.80 -33.14
CA SER B 140 12.19 19.42 -33.24
C SER B 140 11.66 18.60 -32.07
N GLY B 141 11.53 19.25 -30.92
CA GLY B 141 11.02 18.60 -29.75
C GLY B 141 12.08 17.69 -29.17
N ALA B 142 11.63 16.76 -28.34
CA ALA B 142 12.52 15.78 -27.75
C ALA B 142 12.13 14.39 -28.23
N THR B 143 12.98 13.41 -27.95
CA THR B 143 12.61 12.03 -28.24
C THR B 143 13.01 11.09 -27.12
N CYS B 144 11.99 10.62 -26.40
CA CYS B 144 12.16 9.61 -25.35
C CYS B 144 12.17 8.19 -25.91
N ARG B 145 13.15 7.40 -25.47
CA ARG B 145 13.19 5.99 -25.84
C ARG B 145 12.93 5.11 -24.60
N ILE B 146 11.87 4.32 -24.67
CA ILE B 146 11.49 3.41 -23.60
C ILE B 146 11.86 1.98 -23.97
N LYS B 147 12.82 1.40 -23.24
CA LYS B 147 13.24 0.02 -23.54
C LYS B 147 12.44 -0.97 -22.67
N ILE B 148 11.86 -1.97 -23.32
CA ILE B 148 11.05 -2.94 -22.62
C ILE B 148 11.44 -4.38 -22.93
N GLY B 149 11.63 -5.17 -21.88
CA GLY B 149 11.93 -6.57 -22.06
C GLY B 149 11.78 -7.40 -20.80
N SER B 150 11.83 -8.71 -20.98
CA SER B 150 11.80 -9.67 -19.88
C SER B 150 12.98 -9.47 -18.91
N TRP B 151 12.71 -9.42 -17.61
CA TRP B 151 13.77 -9.16 -16.68
C TRP B 151 14.61 -10.40 -16.37
N THR B 152 13.98 -11.56 -16.23
CA THR B 152 14.76 -12.73 -15.84
C THR B 152 14.68 -13.91 -16.76
N HIS B 153 14.17 -13.70 -17.98
CA HIS B 153 14.21 -14.76 -18.99
C HIS B 153 15.07 -14.34 -20.21
N HIS B 154 16.13 -15.08 -20.47
CA HIS B 154 16.98 -14.77 -21.62
C HIS B 154 16.32 -15.21 -22.94
N SER B 155 16.99 -14.91 -24.04
CA SER B 155 16.42 -15.01 -25.39
C SER B 155 16.01 -16.41 -25.81
N ARG B 156 16.47 -17.44 -25.10
CA ARG B 156 16.13 -18.82 -25.44
C ARG B 156 14.83 -19.23 -24.74
N GLU B 157 14.43 -18.45 -23.76
CA GLU B 157 13.22 -18.69 -22.99
C GLU B 157 12.07 -17.77 -23.43
N ILE B 158 12.41 -16.48 -23.62
CA ILE B 158 11.43 -15.49 -24.05
C ILE B 158 11.95 -14.59 -25.16
N SER B 159 11.25 -14.51 -26.28
CA SER B 159 11.62 -13.50 -27.25
C SER B 159 10.55 -12.41 -27.32
N VAL B 160 10.99 -11.15 -27.48
CA VAL B 160 10.11 -10.00 -27.50
C VAL B 160 10.08 -9.37 -28.88
N ASP B 161 8.89 -9.28 -29.47
CA ASP B 161 8.75 -8.64 -30.79
C ASP B 161 7.70 -7.53 -30.77
N PRO B 162 7.97 -6.43 -31.48
CA PRO B 162 7.00 -5.33 -31.49
C PRO B 162 5.73 -5.76 -32.19
N SER B 170 -1.36 5.98 -33.54
CA SER B 170 -1.35 7.05 -32.55
C SER B 170 -2.66 7.84 -32.57
N GLU B 171 -3.77 7.11 -32.56
CA GLU B 171 -5.10 7.68 -32.76
C GLU B 171 -5.93 7.75 -31.50
N TYR B 172 -5.32 7.43 -30.35
CA TYR B 172 -6.02 7.41 -29.08
C TYR B 172 -5.41 8.40 -28.12
N PHE B 173 -4.50 9.22 -28.62
CA PHE B 173 -3.93 10.24 -27.77
C PHE B 173 -5.02 11.24 -27.34
N SER B 174 -4.87 11.77 -26.13
CA SER B 174 -5.83 12.72 -25.62
C SER B 174 -5.63 14.03 -26.36
N GLN B 175 -6.72 14.69 -26.72
CA GLN B 175 -6.60 16.01 -27.33
C GLN B 175 -6.44 17.12 -26.29
N TYR B 176 -6.52 16.78 -25.01
CA TYR B 176 -6.41 17.82 -24.00
C TYR B 176 -5.00 17.90 -23.43
N SER B 177 -4.12 17.03 -23.90
CA SER B 177 -2.72 17.06 -23.46
C SER B 177 -2.03 18.37 -23.87
N ARG B 178 -1.09 18.85 -23.06
CA ARG B 178 -0.31 20.02 -23.43
C ARG B 178 0.79 19.63 -24.39
N PHE B 179 0.73 18.40 -24.92
CA PHE B 179 1.79 17.88 -25.80
C PHE B 179 1.28 17.21 -27.07
N GLU B 180 2.16 17.15 -28.08
CA GLU B 180 1.81 16.65 -29.40
C GLU B 180 2.81 15.58 -29.84
N ILE B 181 2.34 14.57 -30.56
CA ILE B 181 3.21 13.47 -31.00
C ILE B 181 3.51 13.47 -32.51
N LEU B 182 4.78 13.67 -32.86
CA LEU B 182 5.22 13.64 -34.26
C LEU B 182 5.51 12.23 -34.75
N VAL B 184 6.32 8.18 -33.22
CA VAL B 184 6.39 6.89 -32.53
C VAL B 184 6.98 5.74 -33.36
N THR B 185 8.18 5.27 -33.02
CA THR B 185 8.68 4.03 -33.65
C THR B 185 9.17 2.98 -32.65
N GLN B 186 9.26 1.74 -33.14
CA GLN B 186 9.50 0.56 -32.32
C GLN B 186 10.62 -0.31 -32.90
N LYS B 187 11.67 -0.59 -32.13
CA LYS B 187 12.77 -1.41 -32.67
C LYS B 187 13.21 -2.56 -31.74
N LYS B 188 13.68 -3.66 -32.32
CA LYS B 188 14.16 -4.81 -31.54
C LYS B 188 15.66 -4.70 -31.22
N ASN B 189 16.03 -5.11 -30.01
CA ASN B 189 17.43 -5.10 -29.60
C ASN B 189 17.72 -6.34 -28.74
N SER B 190 18.97 -6.78 -28.67
CA SER B 190 19.28 -8.01 -27.91
C SER B 190 20.54 -7.78 -27.12
N VAL B 191 20.48 -7.91 -25.80
CA VAL B 191 21.62 -7.46 -25.03
C VAL B 191 22.23 -8.52 -24.10
N THR B 192 23.56 -8.63 -24.14
CA THR B 192 24.32 -9.45 -23.20
C THR B 192 24.98 -8.53 -22.19
N TYR B 193 24.69 -8.73 -20.91
CA TYR B 193 25.18 -7.82 -19.87
C TYR B 193 26.47 -8.33 -19.27
N SER B 194 27.19 -7.47 -18.57
CA SER B 194 28.49 -7.84 -18.04
C SER B 194 28.44 -8.97 -17.00
N CYS B 195 27.35 -9.06 -16.26
CA CYS B 195 27.27 -10.03 -15.18
C CYS B 195 27.19 -11.50 -15.65
N CYS B 196 26.58 -11.71 -16.82
CA CYS B 196 26.09 -13.03 -17.20
C CYS B 196 26.30 -13.31 -18.68
N PRO B 197 26.35 -14.60 -19.07
CA PRO B 197 26.66 -14.94 -20.47
C PRO B 197 25.46 -14.91 -21.46
N GLU B 198 24.23 -14.80 -20.98
CA GLU B 198 23.10 -14.91 -21.90
C GLU B 198 22.67 -13.57 -22.51
N ALA B 199 21.85 -13.64 -23.55
CA ALA B 199 21.30 -12.44 -24.16
C ALA B 199 19.86 -12.19 -23.72
N TYR B 200 19.50 -10.92 -23.54
CA TYR B 200 18.14 -10.53 -23.19
C TYR B 200 17.55 -9.68 -24.27
N GLU B 201 16.50 -10.17 -24.94
CA GLU B 201 15.78 -9.38 -25.95
C GLU B 201 14.98 -8.19 -25.34
N ASP B 202 14.93 -7.08 -26.07
CA ASP B 202 14.06 -5.94 -25.68
C ASP B 202 13.49 -5.21 -26.88
N VAL B 203 12.42 -4.48 -26.64
CA VAL B 203 11.88 -3.56 -27.63
C VAL B 203 12.14 -2.11 -27.20
N GLU B 204 12.70 -1.30 -28.09
CA GLU B 204 12.87 0.15 -27.85
C GLU B 204 11.77 0.91 -28.51
N VAL B 205 11.03 1.66 -27.71
CA VAL B 205 9.96 2.49 -28.22
C VAL B 205 10.46 3.91 -28.34
N SER B 206 10.34 4.47 -29.54
CA SER B 206 10.85 5.81 -29.74
C SER B 206 9.69 6.75 -30.00
N LEU B 207 9.66 7.82 -29.19
CA LEU B 207 8.53 8.72 -29.12
C LEU B 207 9.00 10.15 -29.28
N ASN B 208 8.68 10.77 -30.42
CA ASN B 208 9.04 12.17 -30.64
C ASN B 208 7.79 13.03 -30.48
N PHE B 209 7.90 14.02 -29.61
CA PHE B 209 6.78 14.84 -29.17
C PHE B 209 7.31 16.22 -28.80
N ARG B 210 6.46 17.25 -28.85
CA ARG B 210 6.89 18.62 -28.47
C ARG B 210 5.79 19.33 -27.69
N LYS B 211 6.14 20.40 -26.97
CA LYS B 211 5.13 21.20 -26.27
C LYS B 211 4.20 21.84 -27.30
N LYS B 212 2.90 21.84 -27.02
CA LYS B 212 1.91 22.34 -27.98
C LYS B 212 1.67 23.84 -27.79
N LEU C 9 13.50 -34.52 -15.87
CA LEU C 9 13.04 -33.25 -15.26
C LEU C 9 12.66 -32.07 -16.20
N ASP C 10 11.42 -31.59 -16.09
CA ASP C 10 10.99 -30.37 -16.79
C ASP C 10 10.94 -29.15 -15.84
N ARG C 11 10.79 -27.95 -16.39
CA ARG C 11 10.67 -26.73 -15.57
C ARG C 11 9.62 -26.85 -14.48
N ALA C 12 8.47 -27.42 -14.80
CA ALA C 12 7.48 -27.68 -13.75
C ALA C 12 8.04 -28.56 -12.63
N ASP C 13 8.74 -29.64 -13.00
CA ASP C 13 9.30 -30.56 -12.03
C ASP C 13 10.30 -29.86 -11.12
N ILE C 14 11.12 -28.99 -11.70
CA ILE C 14 12.12 -28.27 -10.91
C ILE C 14 11.47 -27.32 -9.92
N LEU C 15 10.36 -26.71 -10.30
CA LEU C 15 9.66 -25.78 -9.42
C LEU C 15 8.96 -26.56 -8.34
N TYR C 16 8.39 -27.69 -8.71
CA TYR C 16 7.74 -28.56 -7.73
C TYR C 16 8.70 -28.95 -6.61
N ASN C 17 9.91 -29.33 -7.00
CA ASN C 17 10.93 -29.77 -6.07
C ASN C 17 11.45 -28.61 -5.19
N ILE C 18 11.64 -27.46 -5.82
CA ILE C 18 11.95 -26.25 -5.08
C ILE C 18 10.87 -25.93 -4.07
N ARG C 19 9.59 -26.07 -4.42
CA ARG C 19 8.55 -25.79 -3.44
C ARG C 19 8.51 -26.86 -2.33
N GLN C 20 8.89 -28.11 -2.66
CA GLN C 20 8.96 -29.18 -1.67
C GLN C 20 10.11 -29.00 -0.67
N THR C 21 11.24 -28.48 -1.12
CA THR C 21 12.44 -28.42 -0.30
C THR C 21 12.80 -27.02 0.21
N SER C 22 12.32 -25.99 -0.45
CA SER C 22 12.64 -24.62 -0.04
C SER C 22 11.97 -24.28 1.28
N ARG C 23 12.66 -23.56 2.14
CA ARG C 23 12.08 -23.10 3.41
C ARG C 23 12.37 -21.60 3.57
N PRO C 24 11.48 -20.76 3.07
CA PRO C 24 11.70 -19.31 2.96
C PRO C 24 11.97 -18.62 4.27
N ASP C 25 11.60 -19.23 5.40
CA ASP C 25 11.75 -18.61 6.71
C ASP C 25 13.01 -19.05 7.47
N VAL C 26 13.88 -19.82 6.83
CA VAL C 26 14.99 -20.47 7.53
C VAL C 26 16.30 -20.43 6.75
N ILE C 27 17.37 -19.87 7.35
CA ILE C 27 18.66 -19.72 6.67
C ILE C 27 19.26 -21.07 6.30
N PRO C 28 19.76 -21.16 5.06
CA PRO C 28 20.35 -22.39 4.54
C PRO C 28 21.84 -22.48 4.80
N THR C 29 22.21 -22.73 6.04
CA THR C 29 23.62 -22.86 6.40
C THR C 29 24.19 -24.22 6.05
N GLN C 30 25.40 -24.23 5.49
CA GLN C 30 26.17 -25.47 5.41
C GLN C 30 26.79 -25.63 6.79
N ARG C 31 27.10 -26.85 7.18
CA ARG C 31 27.47 -27.16 8.57
C ARG C 31 28.57 -26.25 9.12
N ASP C 32 28.25 -25.52 10.19
CA ASP C 32 29.17 -24.60 10.88
C ASP C 32 29.28 -23.25 10.18
N ARG C 33 29.61 -23.29 8.90
CA ARG C 33 29.92 -22.08 8.12
C ARG C 33 28.76 -21.07 7.96
N PRO C 34 29.08 -19.81 7.65
CA PRO C 34 28.06 -18.80 7.34
C PRO C 34 27.62 -18.81 5.88
N VAL C 35 26.36 -18.51 5.59
CA VAL C 35 25.92 -18.28 4.22
C VAL C 35 26.69 -17.06 3.71
N ALA C 36 27.45 -17.26 2.64
CA ALA C 36 28.27 -16.21 2.04
C ALA C 36 27.48 -15.42 1.00
N VAL C 37 26.84 -14.32 1.42
CA VAL C 37 26.12 -13.51 0.46
C VAL C 37 27.09 -12.60 -0.29
N SER C 38 26.87 -12.44 -1.59
CA SER C 38 27.63 -11.46 -2.35
C SER C 38 26.74 -10.30 -2.80
N VAL C 39 27.27 -9.09 -2.74
CA VAL C 39 26.52 -7.89 -3.11
C VAL C 39 27.36 -6.92 -3.91
N SER C 40 26.75 -6.35 -4.95
CA SER C 40 27.38 -5.29 -5.70
C SER C 40 26.27 -4.43 -6.23
N LEU C 41 26.43 -3.12 -6.11
CA LEU C 41 25.43 -2.19 -6.63
C LEU C 41 25.89 -1.66 -7.99
N LYS C 42 25.03 -1.79 -9.00
CA LYS C 42 25.29 -1.17 -10.31
C LYS C 42 24.39 0.07 -10.54
N PHE C 43 24.95 1.27 -10.40
CA PHE C 43 24.18 2.52 -10.48
C PHE C 43 23.64 2.90 -11.85
N ILE C 44 22.33 3.10 -11.90
CA ILE C 44 21.68 3.44 -13.16
C ILE C 44 21.39 4.94 -13.23
N ASN C 45 20.97 5.53 -12.13
CA ASN C 45 20.56 6.92 -12.14
C ASN C 45 20.68 7.64 -10.80
N ILE C 46 20.97 8.95 -10.83
CA ILE C 46 20.99 9.81 -9.63
C ILE C 46 19.99 10.94 -9.80
N LEU C 47 18.85 10.86 -9.13
CA LEU C 47 17.68 11.61 -9.61
C LEU C 47 17.52 12.95 -8.94
N GLU C 48 17.67 12.99 -7.62
CA GLU C 48 17.57 14.25 -6.88
C GLU C 48 18.60 14.24 -5.78
N VAL C 49 19.31 15.35 -5.67
CA VAL C 49 20.23 15.56 -4.57
C VAL C 49 19.82 16.87 -3.93
N ASN C 50 20.17 17.03 -2.65
CA ASN C 50 19.94 18.28 -1.95
C ASN C 50 21.18 18.62 -1.15
N GLU C 51 21.88 19.68 -1.57
CA GLU C 51 23.09 20.12 -0.89
C GLU C 51 22.79 20.56 0.54
N ILE C 52 21.61 21.15 0.74
CA ILE C 52 21.22 21.62 2.07
C ILE C 52 20.93 20.45 3.01
N THR C 53 19.99 19.58 2.61
CA THR C 53 19.60 18.47 3.46
C THR C 53 20.55 17.23 3.41
N ASN C 54 21.37 17.09 2.38
CA ASN C 54 22.31 15.97 2.33
C ASN C 54 21.53 14.65 2.13
N GLU C 55 20.69 14.65 1.11
CA GLU C 55 19.82 13.55 0.79
C GLU C 55 19.94 13.27 -0.68
N VAL C 56 20.08 12.01 -1.06
CA VAL C 56 20.06 11.66 -2.48
C VAL C 56 18.98 10.66 -2.76
N ASP C 57 18.59 10.59 -4.02
CA ASP C 57 17.60 9.68 -4.51
C ASP C 57 18.29 8.99 -5.68
N VAL C 58 18.49 7.67 -5.59
CA VAL C 58 19.24 6.97 -6.62
C VAL C 58 18.54 5.73 -7.12
N VAL C 59 18.84 5.37 -8.36
CA VAL C 59 18.35 4.13 -8.95
C VAL C 59 19.52 3.18 -9.23
N PHE C 60 19.41 1.96 -8.71
CA PHE C 60 20.47 0.98 -8.93
C PHE C 60 19.99 -0.47 -9.01
N TRP C 61 20.78 -1.28 -9.70
CA TRP C 61 20.58 -2.72 -9.70
C TRP C 61 21.30 -3.33 -8.52
N GLN C 62 20.56 -3.90 -7.59
CA GLN C 62 21.19 -4.56 -6.45
C GLN C 62 21.47 -6.03 -6.74
N GLN C 63 22.62 -6.31 -7.32
CA GLN C 63 22.98 -7.69 -7.65
C GLN C 63 23.33 -8.46 -6.38
N THR C 64 22.64 -9.57 -6.12
CA THR C 64 22.83 -10.32 -4.88
C THR C 64 22.88 -11.80 -5.17
N THR C 65 23.96 -12.45 -4.78
CA THR C 65 24.02 -13.88 -5.04
C THR C 65 24.35 -14.61 -3.77
N TRP C 66 23.89 -15.85 -3.68
CA TRP C 66 24.23 -16.70 -2.56
C TRP C 66 23.89 -18.14 -2.92
N SER C 67 24.18 -19.06 -2.01
CA SER C 67 24.07 -20.49 -2.33
C SER C 67 23.06 -21.19 -1.40
N ASP C 68 22.17 -22.00 -1.97
CA ASP C 68 21.26 -22.81 -1.19
C ASP C 68 21.33 -24.25 -1.73
N ARG C 69 22.24 -25.03 -1.17
CA ARG C 69 22.65 -26.25 -1.85
C ARG C 69 21.51 -27.29 -1.86
N THR C 70 20.56 -27.13 -0.93
CA THR C 70 19.35 -27.96 -0.86
C THR C 70 18.43 -27.87 -2.09
N LEU C 71 18.57 -26.80 -2.85
CA LEU C 71 17.70 -26.59 -4.00
C LEU C 71 18.23 -27.36 -5.23
N ALA C 72 19.50 -27.78 -5.18
CA ALA C 72 20.20 -28.35 -6.34
C ALA C 72 19.48 -29.53 -7.03
N TRP C 73 19.63 -29.63 -8.34
CA TRP C 73 19.16 -30.79 -9.08
C TRP C 73 20.25 -31.15 -10.12
N ASN C 74 20.20 -32.39 -10.63
CA ASN C 74 21.05 -32.79 -11.73
C ASN C 74 20.49 -32.27 -13.04
N SER C 75 21.30 -31.51 -13.78
CA SER C 75 20.82 -30.80 -14.97
C SER C 75 21.48 -31.32 -16.25
N SER C 76 22.16 -32.45 -16.14
CA SER C 76 22.62 -33.24 -17.30
C SER C 76 21.64 -33.35 -18.47
N HIS C 77 20.37 -33.53 -18.18
CA HIS C 77 19.36 -33.71 -19.22
C HIS C 77 18.11 -32.94 -18.90
N SER C 78 18.29 -31.90 -18.09
CA SER C 78 17.19 -31.01 -17.70
C SER C 78 17.72 -29.59 -17.78
N PRO C 79 16.83 -28.59 -17.69
CA PRO C 79 17.23 -27.18 -17.69
C PRO C 79 18.22 -26.83 -16.58
N ASP C 80 19.12 -25.89 -16.85
CA ASP C 80 20.16 -25.54 -15.92
C ASP C 80 19.68 -24.48 -14.92
N GLN C 81 18.58 -23.79 -15.27
CA GLN C 81 18.11 -22.68 -14.44
C GLN C 81 16.64 -22.41 -14.55
N VAL C 82 16.05 -21.88 -13.47
CA VAL C 82 14.66 -21.46 -13.53
C VAL C 82 14.44 -20.11 -12.87
N SER C 83 13.34 -19.46 -13.18
CA SER C 83 13.01 -18.26 -12.44
C SER C 83 11.98 -18.62 -11.42
N VAL C 84 12.16 -18.09 -10.20
CA VAL C 84 11.28 -18.37 -9.08
C VAL C 84 10.91 -17.06 -8.37
N PRO C 85 9.62 -16.88 -8.06
CA PRO C 85 9.27 -15.69 -7.27
C PRO C 85 9.89 -15.81 -5.87
N ILE C 86 10.37 -14.70 -5.31
CA ILE C 86 11.17 -14.75 -4.10
C ILE C 86 10.40 -15.18 -2.86
N SER C 87 9.09 -15.04 -2.88
CA SER C 87 8.32 -15.53 -1.75
C SER C 87 8.43 -17.08 -1.64
N SER C 88 8.87 -17.74 -2.71
CA SER C 88 9.05 -19.17 -2.61
C SER C 88 10.41 -19.48 -2.03
N LEU C 89 11.27 -18.46 -1.91
CA LEU C 89 12.66 -18.67 -1.52
C LEU C 89 13.03 -17.98 -0.21
N TRP C 90 14.06 -18.50 0.44
CA TRP C 90 14.73 -17.75 1.48
C TRP C 90 15.55 -16.66 0.80
N VAL C 91 15.40 -15.42 1.26
CA VAL C 91 16.19 -14.29 0.77
C VAL C 91 16.89 -13.62 1.96
N PRO C 92 18.15 -13.22 1.79
CA PRO C 92 18.86 -12.52 2.87
C PRO C 92 18.17 -11.19 3.28
N ASP C 93 18.19 -10.88 4.57
CA ASP C 93 17.52 -9.71 5.12
C ASP C 93 18.42 -8.47 5.11
N LEU C 94 18.87 -8.08 3.93
CA LEU C 94 19.76 -6.96 3.83
C LEU C 94 19.01 -5.63 4.03
N ALA C 95 19.70 -4.67 4.66
CA ALA C 95 19.24 -3.29 4.80
C ALA C 95 20.35 -2.32 4.43
N ALA C 96 19.98 -1.24 3.75
CA ALA C 96 20.80 -0.04 3.65
C ALA C 96 20.64 0.74 4.96
N TYR C 97 21.72 0.83 5.75
CA TYR C 97 21.66 1.50 7.06
C TYR C 97 21.32 2.98 6.98
N ASN C 98 21.74 3.67 5.91
CA ASN C 98 21.57 5.13 5.84
C ASN C 98 20.51 5.52 4.80
N ALA C 99 19.67 4.57 4.48
CA ALA C 99 18.48 4.81 3.69
C ALA C 99 17.44 5.53 4.56
N ILE C 100 16.68 6.43 3.95
CA ILE C 100 15.67 7.16 4.72
C ILE C 100 14.29 6.94 4.15
N SER C 101 14.20 6.01 3.18
CA SER C 101 12.94 5.55 2.61
C SER C 101 12.95 4.05 2.41
N LYS C 102 11.79 3.44 2.21
CA LYS C 102 11.76 2.03 1.82
C LYS C 102 12.32 1.90 0.42
N PRO C 103 12.78 0.69 0.07
CA PRO C 103 13.14 0.47 -1.32
C PRO C 103 11.88 0.33 -2.16
N GLU C 104 11.67 1.19 -3.16
CA GLU C 104 10.72 0.92 -4.22
C GLU C 104 11.36 -0.06 -5.23
N VAL C 105 10.90 -1.31 -5.23
CA VAL C 105 11.35 -2.29 -6.21
C VAL C 105 10.63 -2.06 -7.53
N LEU C 106 11.39 -1.84 -8.60
CA LEU C 106 10.82 -1.50 -9.91
C LEU C 106 10.61 -2.70 -10.87
N THR C 107 11.21 -3.84 -10.54
CA THR C 107 11.24 -4.98 -11.43
C THR C 107 10.40 -6.14 -10.85
N PRO C 108 9.96 -7.08 -11.68
CA PRO C 108 9.24 -8.30 -11.20
C PRO C 108 10.03 -9.00 -10.11
N GLN C 109 9.43 -9.33 -8.97
CA GLN C 109 10.18 -9.94 -7.88
C GLN C 109 10.43 -11.44 -8.08
N LEU C 110 11.33 -11.69 -9.02
CA LEU C 110 11.76 -13.00 -9.44
C LEU C 110 13.26 -13.19 -9.21
N ALA C 111 13.61 -14.36 -8.69
CA ALA C 111 14.97 -14.81 -8.54
C ALA C 111 15.29 -15.89 -9.59
N ARG C 112 16.57 -16.06 -9.86
CA ARG C 112 17.05 -17.03 -10.81
C ARG C 112 17.79 -18.12 -10.05
N VAL C 113 17.34 -19.38 -10.17
CA VAL C 113 17.98 -20.47 -9.42
C VAL C 113 18.71 -21.41 -10.36
N VAL C 114 19.99 -21.58 -10.07
CA VAL C 114 20.89 -22.45 -10.84
C VAL C 114 20.94 -23.90 -10.31
N SER C 115 21.15 -24.87 -11.18
CA SER C 115 20.99 -26.28 -10.78
C SER C 115 21.97 -26.70 -9.68
N ASP C 116 23.12 -26.02 -9.57
CA ASP C 116 24.04 -26.28 -8.45
C ASP C 116 23.61 -25.60 -7.12
N GLY C 117 22.57 -24.77 -7.15
CA GLY C 117 22.07 -24.18 -5.93
C GLY C 117 22.38 -22.70 -5.75
N GLU C 118 23.19 -22.14 -6.64
CA GLU C 118 23.43 -20.70 -6.62
C GLU C 118 22.13 -19.96 -6.91
N VAL C 119 21.92 -18.85 -6.21
CA VAL C 119 20.75 -18.01 -6.44
C VAL C 119 21.17 -16.60 -6.81
N LEU C 120 20.60 -16.08 -7.88
CA LEU C 120 20.81 -14.68 -8.22
C LEU C 120 19.51 -13.87 -8.19
N TYR C 121 19.46 -12.83 -7.37
CA TYR C 121 18.34 -11.88 -7.32
C TYR C 121 18.88 -10.48 -7.61
N MET C 122 18.33 -9.80 -8.62
CA MET C 122 18.85 -8.49 -9.02
C MET C 122 17.76 -7.47 -9.36
N PRO C 123 17.08 -6.97 -8.34
CA PRO C 123 15.99 -6.02 -8.52
C PRO C 123 16.51 -4.62 -8.87
N SER C 124 15.75 -3.92 -9.68
CA SER C 124 16.07 -2.53 -9.92
C SER C 124 15.38 -1.80 -8.79
N ILE C 125 16.13 -0.94 -8.10
CA ILE C 125 15.64 -0.29 -6.91
C ILE C 125 15.80 1.23 -6.92
N ARG C 126 14.74 1.93 -6.52
CA ARG C 126 14.84 3.36 -6.26
C ARG C 126 14.71 3.63 -4.76
N GLN C 127 15.69 4.33 -4.22
CA GLN C 127 15.74 4.58 -2.80
C GLN C 127 16.34 5.93 -2.47
N ARG C 128 16.09 6.37 -1.25
CA ARG C 128 16.59 7.67 -0.82
C ARG C 128 17.51 7.49 0.36
N PHE C 129 18.60 8.25 0.36
CA PHE C 129 19.67 8.08 1.34
C PHE C 129 20.02 9.38 2.03
N SER C 130 20.65 9.23 3.19
CA SER C 130 21.20 10.33 3.95
C SER C 130 22.72 10.19 3.94
N CYS C 131 23.38 10.95 3.04
CA CYS C 131 24.83 10.88 2.90
C CYS C 131 25.47 12.24 2.48
N ASP C 132 26.80 12.26 2.37
CA ASP C 132 27.50 13.51 2.12
C ASP C 132 27.37 14.02 0.68
N VAL C 133 26.63 15.09 0.48
CA VAL C 133 26.38 15.62 -0.85
C VAL C 133 27.22 16.89 -1.09
N SER C 134 28.07 17.21 -0.11
CA SER C 134 28.93 18.38 -0.23
C SER C 134 29.99 18.18 -1.30
N GLY C 135 30.13 19.15 -2.19
CA GLY C 135 31.20 19.11 -3.16
C GLY C 135 30.73 18.56 -4.47
N VAL C 136 29.42 18.35 -4.55
CA VAL C 136 28.84 17.76 -5.74
C VAL C 136 29.03 18.68 -6.94
N ASP C 137 29.32 19.94 -6.67
CA ASP C 137 29.50 20.96 -7.72
C ASP C 137 30.97 21.17 -8.03
N THR C 138 31.83 20.67 -7.14
CA THR C 138 33.27 20.79 -7.21
C THR C 138 33.90 19.83 -8.23
N GLU C 139 35.15 20.09 -8.64
CA GLU C 139 35.85 19.17 -9.52
C GLU C 139 36.04 17.81 -8.84
N SER C 140 36.40 17.84 -7.55
CA SER C 140 36.55 16.63 -6.76
C SER C 140 35.24 15.85 -6.71
N GLY C 141 34.13 16.56 -6.83
CA GLY C 141 32.80 15.97 -6.76
C GLY C 141 32.41 15.51 -5.36
N ALA C 142 31.19 15.01 -5.21
CA ALA C 142 30.72 14.51 -3.93
C ALA C 142 30.96 13.02 -3.77
N THR C 143 31.05 12.56 -2.53
CA THR C 143 31.18 11.13 -2.27
C THR C 143 30.12 10.63 -1.30
N CYS C 144 29.03 10.08 -1.84
CA CYS C 144 27.99 9.40 -1.07
C CYS C 144 28.34 7.93 -0.77
N ARG C 145 28.27 7.55 0.50
CA ARG C 145 28.57 6.20 0.93
C ARG C 145 27.34 5.44 1.37
N ILE C 146 27.03 4.33 0.70
CA ILE C 146 25.87 3.54 1.07
C ILE C 146 26.29 2.24 1.75
N LYS C 147 25.66 1.98 2.89
CA LYS C 147 26.04 0.84 3.75
C LYS C 147 25.01 -0.30 3.77
N ILE C 148 25.42 -1.50 3.33
CA ILE C 148 24.50 -2.64 3.22
C ILE C 148 24.95 -3.87 3.98
N GLY C 149 24.07 -4.40 4.83
CA GLY C 149 24.46 -5.51 5.67
C GLY C 149 23.24 -6.24 6.18
N SER C 150 23.42 -7.49 6.60
CA SER C 150 22.32 -8.24 7.21
C SER C 150 21.80 -7.50 8.43
N TRP C 151 20.48 -7.43 8.56
CA TRP C 151 19.90 -6.79 9.73
C TRP C 151 19.80 -7.72 10.96
N THR C 152 19.41 -9.00 10.80
CA THR C 152 19.24 -9.86 11.98
C THR C 152 20.17 -11.09 12.11
N HIS C 153 21.07 -11.29 11.15
CA HIS C 153 22.03 -12.38 11.24
C HIS C 153 23.43 -11.85 11.39
N HIS C 154 24.08 -12.18 12.49
CA HIS C 154 25.48 -11.80 12.68
C HIS C 154 26.45 -12.60 11.80
N SER C 155 27.76 -12.37 11.99
CA SER C 155 28.82 -12.80 11.05
C SER C 155 29.02 -14.30 11.01
N ARG C 156 28.59 -14.99 12.05
CA ARG C 156 28.73 -16.42 12.10
C ARG C 156 27.60 -17.09 11.31
N GLU C 157 26.55 -16.34 10.97
CA GLU C 157 25.43 -16.84 10.17
C GLU C 157 25.33 -16.25 8.77
N ILE C 158 25.75 -15.00 8.58
CA ILE C 158 25.79 -14.42 7.23
C ILE C 158 27.04 -13.60 7.10
N SER C 159 27.71 -13.70 5.96
CA SER C 159 28.83 -12.83 5.66
C SER C 159 28.49 -12.15 4.36
N VAL C 160 28.94 -10.92 4.16
CA VAL C 160 28.65 -10.28 2.90
C VAL C 160 29.97 -9.79 2.35
N ASP C 161 30.12 -9.87 1.04
CA ASP C 161 31.38 -9.49 0.42
C ASP C 161 31.05 -8.83 -0.89
N PRO C 162 31.94 -7.95 -1.35
CA PRO C 162 31.68 -7.36 -2.67
C PRO C 162 32.14 -8.31 -3.75
N THR C 163 31.33 -8.50 -4.78
CA THR C 163 31.62 -9.45 -5.86
C THR C 163 33.10 -9.60 -6.20
N SER C 170 28.98 1.63 -13.29
CA SER C 170 29.09 2.88 -14.05
C SER C 170 28.88 2.66 -15.55
N GLU C 171 28.92 1.40 -15.98
CA GLU C 171 28.69 1.05 -17.38
C GLU C 171 27.25 1.20 -17.83
N TYR C 172 26.30 1.15 -16.93
CA TYR C 172 24.92 1.26 -17.35
C TYR C 172 24.29 2.53 -16.80
N PHE C 173 25.11 3.45 -16.31
CA PHE C 173 24.62 4.73 -15.84
C PHE C 173 24.04 5.50 -16.98
N SER C 174 22.91 6.14 -16.72
CA SER C 174 22.13 6.78 -17.76
C SER C 174 22.89 7.96 -18.37
N GLN C 175 22.89 8.05 -19.69
CA GLN C 175 23.50 9.18 -20.35
C GLN C 175 22.73 10.44 -20.00
N TYR C 176 21.49 10.30 -19.53
CA TYR C 176 20.59 11.44 -19.39
C TYR C 176 20.48 12.00 -17.99
N SER C 177 21.09 11.34 -17.03
CA SER C 177 21.13 11.90 -15.70
C SER C 177 21.77 13.29 -15.76
N ARG C 178 21.64 14.07 -14.71
CA ARG C 178 22.29 15.37 -14.71
C ARG C 178 23.67 15.21 -14.08
N PHE C 179 24.01 13.98 -13.74
CA PHE C 179 25.27 13.73 -13.05
C PHE C 179 26.15 12.71 -13.78
N GLU C 180 27.46 12.77 -13.50
CA GLU C 180 28.44 11.81 -13.98
C GLU C 180 29.11 11.10 -12.82
N ILE C 181 29.45 9.83 -13.04
CA ILE C 181 30.16 9.05 -12.04
C ILE C 181 31.67 9.09 -12.30
N LEU C 182 32.45 9.24 -11.23
CA LEU C 182 33.91 9.34 -11.27
C LEU C 182 34.56 8.03 -10.83
N ASP C 183 34.06 7.49 -9.71
CA ASP C 183 34.49 6.18 -9.25
C ASP C 183 33.50 5.59 -8.29
N VAL C 184 33.49 4.26 -8.26
CA VAL C 184 32.70 3.48 -7.33
C VAL C 184 33.58 2.45 -6.64
N THR C 185 33.79 2.61 -5.34
CA THR C 185 34.62 1.69 -4.57
C THR C 185 33.83 0.95 -3.49
N GLN C 186 34.34 -0.18 -3.02
CA GLN C 186 33.65 -0.98 -2.01
C GLN C 186 34.60 -1.34 -0.91
N LYS C 187 34.12 -1.32 0.32
CA LYS C 187 34.93 -1.77 1.44
C LYS C 187 34.08 -2.69 2.28
N LYS C 188 34.68 -3.69 2.91
CA LYS C 188 33.98 -4.52 3.88
C LYS C 188 34.20 -4.02 5.31
N ASN C 189 33.14 -4.00 6.11
CA ASN C 189 33.24 -3.69 7.54
C ASN C 189 32.61 -4.81 8.35
N SER C 190 33.04 -4.98 9.60
CA SER C 190 32.39 -5.88 10.55
C SER C 190 32.22 -5.13 11.85
N VAL C 191 31.00 -5.08 12.36
CA VAL C 191 30.65 -4.13 13.40
C VAL C 191 29.88 -4.76 14.51
N THR C 192 30.36 -4.60 15.74
CA THR C 192 29.60 -4.94 16.93
C THR C 192 28.99 -3.63 17.47
N TYR C 193 27.71 -3.63 17.86
CA TYR C 193 27.03 -2.42 18.28
C TYR C 193 26.83 -2.38 19.78
N SER C 194 26.65 -1.17 20.30
CA SER C 194 26.48 -0.93 21.72
C SER C 194 25.56 -1.87 22.44
N CYS C 195 24.43 -2.20 21.83
CA CYS C 195 23.41 -2.96 22.53
C CYS C 195 23.71 -4.46 22.62
N CYS C 196 24.18 -5.03 21.52
CA CYS C 196 24.18 -6.49 21.38
C CYS C 196 25.59 -7.05 21.08
N PRO C 197 25.86 -8.28 21.56
CA PRO C 197 27.17 -8.94 21.64
C PRO C 197 27.76 -9.47 20.33
N GLU C 198 26.98 -9.48 19.25
CA GLU C 198 27.40 -10.07 17.98
C GLU C 198 28.01 -9.05 17.02
N ALA C 199 28.65 -9.53 15.96
CA ALA C 199 29.12 -8.65 14.90
C ALA C 199 28.21 -8.78 13.68
N TYR C 200 28.08 -7.71 12.92
CA TYR C 200 27.28 -7.74 11.71
C TYR C 200 28.15 -7.23 10.59
N GLU C 201 28.21 -7.98 9.49
CA GLU C 201 29.05 -7.58 8.34
C GLU C 201 28.28 -6.67 7.41
N ASP C 202 28.95 -5.73 6.76
CA ASP C 202 28.30 -4.95 5.72
C ASP C 202 29.24 -4.62 4.59
N VAL C 203 28.71 -4.22 3.46
CA VAL C 203 29.55 -3.69 2.40
C VAL C 203 29.33 -2.18 2.29
N GLU C 204 30.39 -1.39 2.40
CA GLU C 204 30.28 0.04 2.18
C GLU C 204 30.61 0.33 0.75
N VAL C 205 29.68 0.91 0.03
CA VAL C 205 29.90 1.33 -1.34
C VAL C 205 30.06 2.84 -1.40
N SER C 206 31.10 3.32 -2.08
CA SER C 206 31.35 4.77 -2.17
C SER C 206 31.13 5.28 -3.57
N LEU C 207 30.07 6.06 -3.73
CA LEU C 207 29.68 6.58 -5.01
C LEU C 207 30.26 8.00 -5.18
N ASN C 208 31.30 8.10 -6.01
CA ASN C 208 31.90 9.40 -6.27
C ASN C 208 31.30 10.02 -7.52
N PHE C 209 30.53 11.09 -7.36
CA PHE C 209 29.86 11.70 -8.49
C PHE C 209 29.92 13.25 -8.42
N ARG C 210 29.52 13.91 -9.49
CA ARG C 210 29.49 15.36 -9.58
C ARG C 210 28.52 15.78 -10.66
N LYS C 211 28.09 17.04 -10.64
CA LYS C 211 27.16 17.56 -11.63
C LYS C 211 27.86 17.78 -12.97
N LYS C 212 27.14 17.57 -14.08
CA LYS C 212 27.68 17.93 -15.39
C LYS C 212 27.52 19.41 -15.66
N ASP D 10 18.16 -28.33 13.55
CA ASP D 10 17.20 -27.94 14.56
C ASP D 10 16.56 -26.55 14.26
N ARG D 11 17.16 -25.72 13.41
CA ARG D 11 16.59 -24.37 13.16
C ARG D 11 15.20 -24.36 12.55
N ALA D 12 14.93 -25.24 11.60
CA ALA D 12 13.58 -25.38 11.09
C ALA D 12 12.66 -25.99 12.16
N ASP D 13 13.20 -26.94 12.92
CA ASP D 13 12.51 -27.48 14.08
C ASP D 13 12.08 -26.36 15.03
N ILE D 14 13.00 -25.44 15.34
CA ILE D 14 12.71 -24.38 16.31
C ILE D 14 11.62 -23.44 15.81
N LEU D 15 11.69 -23.06 14.53
CA LEU D 15 10.64 -22.25 13.93
C LEU D 15 9.32 -23.01 14.02
N TYR D 16 9.37 -24.31 13.75
CA TYR D 16 8.18 -25.10 13.80
C TYR D 16 7.60 -25.15 15.19
N ASN D 17 8.47 -25.32 16.18
CA ASN D 17 8.02 -25.41 17.57
C ASN D 17 7.41 -24.10 18.01
N ILE D 18 7.98 -22.98 17.57
CA ILE D 18 7.46 -21.66 17.89
C ILE D 18 6.07 -21.42 17.32
N ARG D 19 5.89 -21.83 16.07
CA ARG D 19 4.63 -21.61 15.37
C ARG D 19 3.51 -22.53 15.88
N GLN D 20 3.86 -23.78 16.22
CA GLN D 20 2.87 -24.69 16.82
C GLN D 20 2.52 -24.25 18.24
N THR D 21 3.51 -23.72 18.96
CA THR D 21 3.36 -23.35 20.36
C THR D 21 2.84 -21.94 20.63
N SER D 22 3.16 -20.99 19.77
CA SER D 22 2.82 -19.59 20.04
C SER D 22 1.71 -19.05 19.16
N ARG D 23 0.81 -18.27 19.75
CA ARG D 23 -0.22 -17.59 19.00
C ARG D 23 0.08 -16.10 18.97
N PRO D 24 0.12 -15.51 17.78
CA PRO D 24 0.47 -14.09 17.72
C PRO D 24 -0.64 -13.20 18.25
N ASP D 25 -1.84 -13.74 18.37
CA ASP D 25 -2.97 -12.93 18.77
C ASP D 25 -3.30 -13.14 20.25
N VAL D 26 -2.37 -13.71 21.00
CA VAL D 26 -2.57 -13.96 22.44
C VAL D 26 -1.42 -13.44 23.30
N ILE D 27 -1.72 -12.58 24.28
CA ILE D 27 -0.69 -12.05 25.16
C ILE D 27 -0.06 -13.17 25.97
N PRO D 28 1.29 -13.28 25.94
CA PRO D 28 2.01 -14.31 26.70
C PRO D 28 2.15 -14.02 28.21
N THR D 29 1.02 -13.80 28.89
CA THR D 29 1.01 -13.50 30.33
C THR D 29 1.45 -14.68 31.19
N GLN D 30 2.41 -14.47 32.08
CA GLN D 30 2.85 -15.52 32.99
C GLN D 30 2.19 -15.38 34.36
N ARG D 31 1.29 -16.31 34.69
CA ARG D 31 0.64 -16.36 36.00
C ARG D 31 -0.15 -15.09 36.34
N ASP D 32 -0.90 -14.59 35.37
CA ASP D 32 -1.66 -13.35 35.55
C ASP D 32 -0.78 -12.21 36.09
N ARG D 33 0.44 -12.12 35.59
CA ARG D 33 1.29 -10.96 35.81
C ARG D 33 1.38 -10.16 34.51
N PRO D 34 1.65 -8.87 34.60
CA PRO D 34 1.74 -8.11 33.35
C PRO D 34 2.96 -8.53 32.55
N VAL D 35 2.93 -8.40 31.22
CA VAL D 35 4.10 -8.70 30.40
C VAL D 35 5.04 -7.50 30.36
N ALA D 36 6.23 -7.67 30.90
CA ALA D 36 7.20 -6.58 30.96
C ALA D 36 7.89 -6.32 29.62
N VAL D 37 7.60 -5.17 29.01
CA VAL D 37 8.28 -4.79 27.78
C VAL D 37 9.25 -3.65 27.98
N SER D 38 10.47 -3.80 27.49
CA SER D 38 11.46 -2.72 27.46
C SER D 38 11.49 -2.01 26.12
N VAL D 39 11.60 -0.69 26.17
CA VAL D 39 11.53 0.15 24.98
C VAL D 39 12.64 1.13 25.08
N SER D 40 13.28 1.38 23.95
CA SER D 40 14.47 2.18 23.93
C SER D 40 14.65 2.67 22.51
N LEU D 41 14.92 3.96 22.33
CA LEU D 41 15.13 4.50 20.99
C LEU D 41 16.56 5.01 20.84
N LYS D 42 17.19 4.66 19.72
CA LYS D 42 18.49 5.21 19.39
C LYS D 42 18.32 6.02 18.11
N PHE D 43 18.52 7.33 18.19
CA PHE D 43 18.18 8.16 17.05
C PHE D 43 19.25 8.09 15.97
N ILE D 44 18.83 8.12 14.71
CA ILE D 44 19.75 7.95 13.61
C ILE D 44 19.77 9.21 12.76
N ASN D 45 18.62 9.87 12.66
CA ASN D 45 18.50 11.10 11.87
C ASN D 45 17.32 11.97 12.28
N ILE D 46 17.35 13.20 11.80
CA ILE D 46 16.34 14.20 12.00
C ILE D 46 16.30 14.86 10.67
N LEU D 47 15.19 14.74 9.96
CA LEU D 47 15.19 14.99 8.52
C LEU D 47 14.51 16.30 8.16
N GLU D 48 13.33 16.51 8.75
CA GLU D 48 12.54 17.70 8.47
C GLU D 48 12.12 18.30 9.80
N VAL D 49 12.38 19.59 9.99
CA VAL D 49 11.86 20.25 11.16
C VAL D 49 11.01 21.42 10.72
N ASN D 50 9.95 21.70 11.45
CA ASN D 50 9.08 22.83 11.12
C ASN D 50 8.74 23.58 12.39
N GLU D 51 9.22 24.80 12.53
CA GLU D 51 8.96 25.54 13.75
C GLU D 51 7.61 26.26 13.73
N ILE D 52 7.10 26.59 12.54
CA ILE D 52 5.75 27.15 12.44
C ILE D 52 4.70 26.13 12.91
N THR D 53 4.75 24.91 12.34
CA THR D 53 3.73 23.89 12.65
C THR D 53 4.07 22.94 13.82
N ASN D 54 5.29 23.00 14.36
CA ASN D 54 5.68 22.14 15.49
C ASN D 54 5.68 20.64 15.14
N GLU D 55 6.17 20.30 13.95
CA GLU D 55 6.20 18.90 13.51
C GLU D 55 7.63 18.49 13.18
N VAL D 56 8.03 17.32 13.64
CA VAL D 56 9.35 16.81 13.29
C VAL D 56 9.31 15.44 12.61
N ASP D 57 10.32 15.21 11.78
CA ASP D 57 10.51 13.98 11.05
C ASP D 57 11.79 13.28 11.49
N VAL D 58 11.68 12.10 12.10
CA VAL D 58 12.87 11.41 12.60
C VAL D 58 13.00 9.92 12.25
N VAL D 59 14.24 9.44 12.12
CA VAL D 59 14.56 8.03 11.96
C VAL D 59 15.24 7.49 13.23
N PHE D 60 14.77 6.35 13.73
CA PHE D 60 15.31 5.79 14.95
C PHE D 60 15.21 4.27 14.97
N TRP D 61 16.04 3.63 15.78
CA TRP D 61 15.90 2.21 16.02
C TRP D 61 15.04 2.05 17.26
N GLN D 62 13.91 1.38 17.13
CA GLN D 62 13.07 1.12 18.28
C GLN D 62 13.37 -0.25 18.85
N GLN D 63 14.19 -0.28 19.89
CA GLN D 63 14.56 -1.52 20.52
C GLN D 63 13.44 -1.99 21.40
N THR D 64 12.94 -3.20 21.16
CA THR D 64 11.83 -3.72 21.97
C THR D 64 12.16 -5.14 22.41
N THR D 65 12.12 -5.39 23.72
CA THR D 65 12.43 -6.70 24.24
C THR D 65 11.36 -7.12 25.23
N TRP D 66 11.13 -8.44 25.28
CA TRP D 66 10.17 -9.03 26.20
C TRP D 66 10.45 -10.52 26.30
N SER D 67 9.66 -11.23 27.10
CA SER D 67 9.91 -12.66 27.26
C SER D 67 8.69 -13.50 26.98
N ASP D 68 8.91 -14.62 26.31
CA ASP D 68 7.89 -15.67 26.25
C ASP D 68 8.53 -17.00 26.61
N ARG D 69 8.43 -17.37 27.89
CA ARG D 69 9.16 -18.52 28.41
C ARG D 69 8.70 -19.84 27.80
N THR D 70 7.46 -19.91 27.34
CA THR D 70 6.94 -21.11 26.67
C THR D 70 7.66 -21.40 25.35
N LEU D 71 8.38 -20.41 24.83
CA LEU D 71 9.08 -20.55 23.56
C LEU D 71 10.40 -21.28 23.71
N ALA D 72 10.92 -21.29 24.93
CA ALA D 72 12.29 -21.74 25.20
C ALA D 72 12.59 -23.20 24.80
N TRP D 73 13.84 -23.46 24.45
CA TRP D 73 14.30 -24.80 24.07
C TRP D 73 15.74 -25.03 24.52
N ASN D 74 16.16 -26.30 24.59
CA ASN D 74 17.50 -26.70 25.04
C ASN D 74 18.55 -26.40 23.96
N SER D 75 19.54 -25.55 24.26
CA SER D 75 20.51 -25.15 23.24
C SER D 75 21.94 -25.66 23.49
N SER D 76 22.08 -26.75 24.23
CA SER D 76 23.35 -27.49 24.34
C SER D 76 23.94 -27.94 22.99
N HIS D 77 23.10 -28.43 22.09
CA HIS D 77 23.59 -28.86 20.79
C HIS D 77 22.82 -28.22 19.64
N SER D 78 22.00 -27.24 19.98
CA SER D 78 21.19 -26.47 19.02
C SER D 78 21.68 -25.04 18.96
N PRO D 79 21.23 -24.28 17.96
CA PRO D 79 21.62 -22.88 17.89
C PRO D 79 21.05 -22.15 19.11
N ASP D 80 21.72 -21.10 19.57
CA ASP D 80 21.26 -20.40 20.76
C ASP D 80 20.14 -19.44 20.41
N GLN D 81 20.07 -19.06 19.12
CA GLN D 81 19.09 -18.08 18.63
C GLN D 81 18.61 -18.32 17.20
N VAL D 82 17.44 -17.78 16.89
CA VAL D 82 16.92 -17.78 15.53
C VAL D 82 16.27 -16.45 15.18
N SER D 83 16.25 -16.15 13.89
CA SER D 83 15.45 -15.02 13.42
C SER D 83 14.12 -15.56 12.90
N VAL D 84 13.04 -14.87 13.24
CA VAL D 84 11.66 -15.28 13.01
C VAL D 84 10.81 -14.14 12.41
N PRO D 85 9.96 -14.44 11.42
CA PRO D 85 9.01 -13.40 11.00
C PRO D 85 8.07 -12.96 12.16
N ILE D 86 7.93 -11.65 12.40
CA ILE D 86 7.06 -11.14 13.46
C ILE D 86 5.61 -11.60 13.32
N SER D 87 5.18 -11.86 12.09
CA SER D 87 3.86 -12.44 11.88
C SER D 87 3.73 -13.84 12.52
N SER D 88 4.81 -14.44 13.00
CA SER D 88 4.70 -15.71 13.75
C SER D 88 4.75 -15.56 15.27
N LEU D 89 4.86 -14.34 15.75
CA LEU D 89 4.99 -14.10 17.17
C LEU D 89 3.90 -13.17 17.66
N TRP D 90 3.64 -13.20 18.95
CA TRP D 90 2.94 -12.10 19.59
C TRP D 90 3.92 -10.93 19.65
N VAL D 91 3.50 -9.76 19.20
CA VAL D 91 4.33 -8.56 19.34
C VAL D 91 3.50 -7.53 20.10
N PRO D 92 4.10 -6.83 21.07
CA PRO D 92 3.25 -5.85 21.77
C PRO D 92 2.76 -4.75 20.82
N ASP D 93 1.50 -4.34 20.99
CA ASP D 93 0.87 -3.31 20.16
C ASP D 93 1.25 -1.87 20.60
N LEU D 94 2.55 -1.57 20.56
CA LEU D 94 3.01 -0.23 20.95
C LEU D 94 2.55 0.86 19.98
N ALA D 95 2.29 2.04 20.51
CA ALA D 95 1.97 3.21 19.70
C ALA D 95 2.67 4.41 20.26
N ALA D 96 3.04 5.32 19.37
CA ALA D 96 3.47 6.64 19.81
C ALA D 96 2.24 7.52 19.83
N TYR D 97 1.82 7.90 21.03
CA TYR D 97 0.63 8.73 21.21
C TYR D 97 0.61 10.05 20.43
N ASN D 98 1.76 10.72 20.28
CA ASN D 98 1.72 11.99 19.56
C ASN D 98 2.26 11.90 18.15
N ALA D 99 2.17 10.71 17.57
CA ALA D 99 2.56 10.50 16.17
C ALA D 99 1.49 11.03 15.23
N ILE D 100 1.89 11.67 14.13
CA ILE D 100 0.90 12.17 13.18
C ILE D 100 1.02 11.48 11.80
N SER D 101 1.76 10.38 11.76
CA SER D 101 1.88 9.52 10.57
C SER D 101 2.01 8.06 10.95
N LYS D 102 1.77 7.16 10.01
CA LYS D 102 2.07 5.74 10.24
C LYS D 102 3.57 5.57 10.40
N PRO D 103 3.98 4.65 11.25
CA PRO D 103 5.43 4.51 11.29
C PRO D 103 5.89 3.69 10.07
N GLU D 104 6.85 4.25 9.34
CA GLU D 104 7.39 3.59 8.16
C GLU D 104 8.56 2.66 8.55
N VAL D 105 8.34 1.34 8.46
CA VAL D 105 9.40 0.39 8.80
C VAL D 105 10.38 0.26 7.66
N LEU D 106 11.66 0.43 7.96
CA LEU D 106 12.70 0.54 6.92
C LEU D 106 13.55 -0.72 6.80
N THR D 107 13.41 -1.61 7.79
CA THR D 107 14.22 -2.81 7.87
C THR D 107 13.34 -4.05 7.73
N PRO D 108 13.94 -5.21 7.45
CA PRO D 108 13.19 -6.46 7.39
C PRO D 108 12.50 -6.71 8.72
N GLN D 109 11.28 -7.20 8.70
CA GLN D 109 10.50 -7.31 9.92
C GLN D 109 10.67 -8.70 10.51
N LEU D 110 11.84 -8.91 11.08
CA LEU D 110 12.19 -10.16 11.70
C LEU D 110 12.47 -9.89 13.15
N ALA D 111 11.99 -10.76 14.02
CA ALA D 111 12.38 -10.72 15.42
C ALA D 111 13.50 -11.72 15.63
N ARG D 112 14.22 -11.57 16.74
CA ARG D 112 15.22 -12.52 17.20
C ARG D 112 14.75 -13.22 18.46
N VAL D 113 14.60 -14.55 18.41
CA VAL D 113 14.25 -15.32 19.60
C VAL D 113 15.44 -16.06 20.21
N VAL D 114 15.61 -15.95 21.52
CA VAL D 114 16.70 -16.62 22.21
C VAL D 114 16.16 -17.88 22.91
N SER D 115 17.01 -18.89 23.10
CA SER D 115 16.57 -20.18 23.62
C SER D 115 15.96 -20.14 25.02
N ASP D 116 16.22 -19.09 25.78
CA ASP D 116 15.56 -18.92 27.08
C ASP D 116 14.13 -18.41 26.92
N GLY D 117 13.82 -17.83 25.77
CA GLY D 117 12.46 -17.43 25.47
C GLY D 117 12.32 -15.92 25.47
N GLU D 118 13.44 -15.24 25.41
CA GLU D 118 13.45 -13.80 25.35
C GLU D 118 13.39 -13.37 23.88
N VAL D 119 12.72 -12.25 23.60
CA VAL D 119 12.57 -11.80 22.22
C VAL D 119 13.07 -10.35 22.01
N LEU D 120 13.78 -10.14 20.90
CA LEU D 120 14.26 -8.83 20.51
C LEU D 120 13.71 -8.40 19.14
N TYR D 121 13.04 -7.26 19.08
CA TYR D 121 12.57 -6.75 17.81
C TYR D 121 12.93 -5.26 17.71
N MET D 122 13.69 -4.95 16.68
CA MET D 122 14.34 -3.67 16.56
C MET D 122 14.30 -3.18 15.13
N PRO D 123 13.13 -2.73 14.68
CA PRO D 123 13.11 -2.10 13.35
C PRO D 123 13.67 -0.68 13.34
N SER D 124 14.17 -0.28 12.18
CA SER D 124 14.48 1.11 11.99
C SER D 124 13.22 1.77 11.45
N ILE D 125 12.86 2.89 12.03
CA ILE D 125 11.56 3.48 11.73
C ILE D 125 11.67 4.95 11.36
N ARG D 126 10.94 5.35 10.33
CA ARG D 126 10.76 6.76 10.02
C ARG D 126 9.33 7.17 10.38
N GLN D 127 9.19 8.36 10.97
CA GLN D 127 7.88 8.77 11.49
C GLN D 127 7.80 10.25 11.83
N ARG D 128 6.59 10.83 11.78
CA ARG D 128 6.40 12.25 12.04
C ARG D 128 5.66 12.46 13.33
N PHE D 129 6.09 13.41 14.14
CA PHE D 129 5.40 13.71 15.39
C PHE D 129 5.12 15.21 15.56
N SER D 130 4.08 15.46 16.35
CA SER D 130 3.73 16.78 16.83
C SER D 130 4.43 16.95 18.18
N CYS D 131 5.27 17.97 18.28
CA CYS D 131 5.95 18.20 19.54
C CYS D 131 6.57 19.59 19.58
N ASP D 132 6.98 20.02 20.77
CA ASP D 132 7.53 21.36 20.96
C ASP D 132 8.85 21.54 20.23
N VAL D 133 8.86 22.38 19.20
CA VAL D 133 10.07 22.55 18.39
C VAL D 133 10.80 23.89 18.66
N SER D 134 10.23 24.75 19.51
CA SER D 134 10.84 26.06 19.78
C SER D 134 12.22 25.93 20.44
N GLY D 135 13.17 26.74 19.98
CA GLY D 135 14.53 26.69 20.51
C GLY D 135 15.44 25.84 19.65
N VAL D 136 14.91 25.27 18.57
CA VAL D 136 15.71 24.48 17.65
C VAL D 136 16.88 25.28 17.10
N ASP D 137 16.63 26.55 16.78
CA ASP D 137 17.69 27.44 16.32
C ASP D 137 18.36 28.13 17.50
N THR D 138 18.34 27.48 18.66
CA THR D 138 18.88 28.01 19.91
C THR D 138 20.02 27.12 20.42
N GLU D 139 21.03 27.70 21.05
CA GLU D 139 22.12 26.90 21.59
C GLU D 139 21.63 26.03 22.75
N SER D 140 20.46 26.34 23.28
CA SER D 140 19.79 25.48 24.24
C SER D 140 19.09 24.32 23.51
N GLY D 141 18.68 24.59 22.28
CA GLY D 141 18.02 23.60 21.46
C GLY D 141 16.58 23.36 21.88
N ALA D 142 15.85 22.63 21.04
CA ALA D 142 14.49 22.22 21.38
C ALA D 142 14.51 20.91 22.15
N THR D 143 13.41 20.61 22.84
CA THR D 143 13.22 19.32 23.45
C THR D 143 11.88 18.79 23.02
N CYS D 144 11.93 17.71 22.26
CA CYS D 144 10.76 17.12 21.65
C CYS D 144 10.46 15.84 22.44
N ARG D 145 9.22 15.67 22.87
CA ARG D 145 8.87 14.55 23.72
C ARG D 145 8.04 13.52 22.93
N ILE D 146 8.47 12.27 22.93
CA ILE D 146 7.68 11.22 22.30
C ILE D 146 7.22 10.22 23.34
N LYS D 147 5.95 9.89 23.32
CA LYS D 147 5.41 8.96 24.29
C LYS D 147 5.01 7.65 23.58
N ILE D 148 5.48 6.53 24.12
CA ILE D 148 5.24 5.24 23.48
C ILE D 148 4.71 4.29 24.51
N GLY D 149 3.62 3.58 24.20
CA GLY D 149 3.09 2.58 25.10
C GLY D 149 2.12 1.62 24.42
N SER D 150 1.53 0.72 25.19
CA SER D 150 0.60 -0.24 24.57
C SER D 150 -0.72 0.46 24.25
N TRP D 151 -1.33 0.15 23.12
CA TRP D 151 -2.55 0.87 22.77
C TRP D 151 -3.78 0.28 23.43
N THR D 152 -3.83 -1.05 23.59
CA THR D 152 -5.06 -1.69 24.10
C THR D 152 -4.84 -2.57 25.34
N HIS D 153 -3.66 -2.53 25.94
CA HIS D 153 -3.40 -3.29 27.15
C HIS D 153 -3.06 -2.39 28.33
N HIS D 154 -3.83 -2.47 29.40
CA HIS D 154 -3.50 -1.69 30.58
C HIS D 154 -2.38 -2.33 31.38
N SER D 155 -1.98 -1.69 32.48
CA SER D 155 -0.76 -2.05 33.21
C SER D 155 -0.81 -3.41 33.87
N ARG D 156 -1.99 -3.92 34.16
CA ARG D 156 -2.11 -5.27 34.68
C ARG D 156 -1.67 -6.32 33.64
N GLU D 157 -1.65 -5.94 32.38
CA GLU D 157 -1.32 -6.83 31.28
C GLU D 157 0.02 -6.51 30.64
N ILE D 158 0.25 -5.25 30.34
CA ILE D 158 1.53 -4.83 29.79
C ILE D 158 2.13 -3.71 30.61
N SER D 159 3.41 -3.85 30.93
CA SER D 159 4.11 -2.83 31.65
C SER D 159 5.28 -2.45 30.79
N VAL D 160 5.52 -1.15 30.68
CA VAL D 160 6.51 -0.63 29.75
C VAL D 160 7.62 0.05 30.52
N ASP D 161 8.84 -0.49 30.43
CA ASP D 161 9.98 0.07 31.14
C ASP D 161 11.09 0.45 30.18
N PRO D 162 11.68 1.63 30.35
CA PRO D 162 12.85 1.91 29.52
C PRO D 162 14.06 1.11 29.99
N THR D 163 14.95 0.80 29.06
CA THR D 163 16.23 0.17 29.34
C THR D 163 17.00 0.91 30.42
N ASP D 168 26.36 6.43 24.47
CA ASP D 168 26.45 7.67 23.69
C ASP D 168 25.14 7.89 22.91
N ASP D 169 24.37 8.90 23.34
CA ASP D 169 23.06 9.16 22.73
C ASP D 169 23.23 9.48 21.23
N SER D 170 24.37 10.06 20.86
CA SER D 170 24.62 10.48 19.48
C SER D 170 25.45 9.43 18.72
N GLU D 171 25.55 8.25 19.31
CA GLU D 171 26.52 7.27 18.87
C GLU D 171 26.41 6.84 17.41
N TYR D 172 25.18 6.57 16.98
CA TYR D 172 24.94 6.18 15.59
C TYR D 172 24.25 7.30 14.83
N PHE D 173 24.20 8.50 15.41
CA PHE D 173 23.45 9.57 14.78
C PHE D 173 24.16 9.98 13.52
N SER D 174 23.43 10.15 12.44
CA SER D 174 24.10 10.55 11.22
C SER D 174 24.79 11.89 11.41
N GLN D 175 25.96 12.03 10.82
CA GLN D 175 26.70 13.26 10.94
C GLN D 175 26.35 14.18 9.80
N TYR D 176 25.59 13.69 8.84
CA TYR D 176 25.23 14.49 7.68
C TYR D 176 23.87 15.14 7.88
N SER D 177 23.26 14.86 9.03
CA SER D 177 22.04 15.55 9.43
C SER D 177 22.32 17.05 9.66
N ARG D 178 21.36 17.91 9.29
CA ARG D 178 21.44 19.36 9.57
C ARG D 178 21.20 19.64 11.05
N PHE D 179 21.02 18.60 11.85
CA PHE D 179 20.83 18.79 13.28
C PHE D 179 21.84 17.97 14.05
N GLU D 180 21.94 18.25 15.35
CA GLU D 180 22.90 17.60 16.21
C GLU D 180 22.17 17.32 17.49
N ILE D 181 22.43 16.18 18.11
CA ILE D 181 21.76 15.80 19.34
C ILE D 181 22.52 16.30 20.57
N LEU D 182 21.80 16.69 21.62
CA LEU D 182 22.42 17.15 22.84
C LEU D 182 22.25 16.13 23.95
N ASP D 183 21.03 15.60 24.12
CA ASP D 183 20.82 14.52 25.07
C ASP D 183 19.52 13.76 24.75
N VAL D 184 19.49 12.49 25.15
CA VAL D 184 18.26 11.72 25.07
C VAL D 184 17.98 11.10 26.43
N THR D 185 16.79 11.34 26.97
CA THR D 185 16.45 10.79 28.27
C THR D 185 15.07 10.15 28.19
N GLN D 186 14.89 9.05 28.92
CA GLN D 186 13.70 8.22 28.83
C GLN D 186 13.10 8.02 30.22
N LYS D 187 11.81 8.20 30.37
CA LYS D 187 11.19 8.13 31.69
C LYS D 187 9.86 7.40 31.64
N LYS D 188 9.56 6.65 32.70
CA LYS D 188 8.32 5.87 32.76
C LYS D 188 7.14 6.69 33.29
N ASN D 189 6.00 6.57 32.62
CA ASN D 189 4.78 7.23 33.04
C ASN D 189 3.62 6.27 33.08
N SER D 190 2.54 6.70 33.70
CA SER D 190 1.33 5.90 33.79
C SER D 190 0.14 6.84 33.76
N VAL D 191 -0.82 6.56 32.89
CA VAL D 191 -1.92 7.49 32.67
C VAL D 191 -3.25 6.76 32.64
N THR D 192 -4.26 7.39 33.23
CA THR D 192 -5.63 6.89 33.18
C THR D 192 -6.45 7.88 32.36
N TYR D 193 -7.22 7.39 31.40
CA TYR D 193 -8.01 8.26 30.51
C TYR D 193 -9.50 8.26 30.88
N SER D 194 -10.19 9.29 30.42
CA SER D 194 -11.55 9.61 30.89
C SER D 194 -12.61 8.60 30.49
N CYS D 195 -12.36 7.85 29.43
CA CYS D 195 -13.36 6.91 28.93
C CYS D 195 -13.40 5.65 29.77
N CYS D 196 -12.29 5.35 30.45
CA CYS D 196 -12.09 4.03 31.00
C CYS D 196 -11.38 4.05 32.36
N PRO D 197 -11.65 3.03 33.19
CA PRO D 197 -11.16 2.95 34.58
C PRO D 197 -9.68 2.66 34.71
N GLU D 198 -9.08 2.02 33.70
CA GLU D 198 -7.72 1.48 33.82
C GLU D 198 -6.60 2.46 33.41
N ALA D 199 -5.37 2.13 33.80
CA ALA D 199 -4.23 2.95 33.45
C ALA D 199 -3.34 2.33 32.36
N TYR D 200 -2.56 3.17 31.69
CA TYR D 200 -1.69 2.70 30.62
C TYR D 200 -0.26 3.23 30.80
N GLU D 201 0.68 2.30 30.91
CA GLU D 201 2.08 2.66 31.09
C GLU D 201 2.69 3.10 29.78
N ASP D 202 3.55 4.11 29.82
CA ASP D 202 4.23 4.52 28.61
C ASP D 202 5.61 5.03 28.92
N VAL D 203 6.42 5.25 27.90
CA VAL D 203 7.72 5.83 28.11
C VAL D 203 7.77 7.16 27.39
N GLU D 204 8.19 8.21 28.09
CA GLU D 204 8.37 9.48 27.42
C GLU D 204 9.83 9.60 27.12
N VAL D 205 10.15 9.77 25.85
CA VAL D 205 11.51 9.94 25.40
C VAL D 205 11.66 11.40 25.13
N SER D 206 12.74 12.00 25.64
CA SER D 206 12.94 13.42 25.46
C SER D 206 14.13 13.60 24.57
N LEU D 207 13.92 14.30 23.47
CA LEU D 207 14.96 14.44 22.48
C LEU D 207 15.39 15.88 22.43
N ASN D 208 16.59 16.12 22.95
CA ASN D 208 17.16 17.45 23.01
C ASN D 208 18.11 17.61 21.83
N PHE D 209 17.72 18.45 20.87
CA PHE D 209 18.54 18.68 19.69
C PHE D 209 18.53 20.13 19.28
N ARG D 210 19.55 20.52 18.51
CA ARG D 210 19.81 21.90 18.13
C ARG D 210 20.20 21.90 16.68
N LYS D 211 19.78 22.93 15.95
CA LYS D 211 20.24 23.06 14.58
C LYS D 211 21.73 23.36 14.60
N LYS D 212 22.41 23.21 13.46
CA LYS D 212 23.82 23.52 13.38
C LYS D 212 24.13 24.47 12.23
N ASP E 10 -5.68 -19.19 29.64
CA ASP E 10 -7.12 -19.11 29.47
C ASP E 10 -7.52 -17.97 28.52
N ARG E 11 -6.70 -16.93 28.42
CA ARG E 11 -6.95 -15.88 27.44
C ARG E 11 -6.95 -16.48 26.03
N ALA E 12 -6.24 -17.59 25.87
CA ALA E 12 -6.17 -18.28 24.58
C ALA E 12 -7.44 -19.06 24.26
N ASP E 13 -8.03 -19.66 25.29
CA ASP E 13 -9.26 -20.44 25.12
C ASP E 13 -10.40 -19.48 24.77
N ILE E 14 -10.41 -18.31 25.39
CA ILE E 14 -11.42 -17.31 25.09
C ILE E 14 -11.35 -16.83 23.66
N LEU E 15 -10.14 -16.73 23.12
CA LEU E 15 -9.95 -16.19 21.78
C LEU E 15 -10.32 -17.21 20.69
N TYR E 16 -9.96 -18.47 20.90
CA TYR E 16 -10.28 -19.52 19.91
C TYR E 16 -11.78 -19.61 19.72
N ASN E 17 -12.50 -19.58 20.84
CA ASN E 17 -13.97 -19.60 20.81
C ASN E 17 -14.52 -18.51 19.91
N ILE E 18 -13.92 -17.33 20.00
CA ILE E 18 -14.27 -16.19 19.15
C ILE E 18 -13.96 -16.50 17.69
N ARG E 19 -12.74 -16.96 17.43
CA ARG E 19 -12.33 -17.24 16.05
C ARG E 19 -13.25 -18.29 15.43
N GLN E 20 -13.76 -19.18 16.27
CA GLN E 20 -14.62 -20.26 15.79
C GLN E 20 -16.04 -19.79 15.43
N THR E 21 -16.55 -18.78 16.12
CA THR E 21 -17.97 -18.40 15.97
C THR E 21 -18.27 -16.92 15.66
N SER E 22 -17.29 -16.19 15.15
CA SER E 22 -17.38 -14.72 15.12
C SER E 22 -18.14 -14.13 13.93
N ARG E 23 -17.94 -14.67 12.74
CA ARG E 23 -18.74 -14.24 11.58
C ARG E 23 -18.55 -12.76 11.22
N PRO E 24 -17.32 -12.39 10.81
CA PRO E 24 -16.95 -11.00 10.56
C PRO E 24 -17.86 -10.29 9.55
N ASP E 25 -18.50 -11.04 8.66
CA ASP E 25 -19.32 -10.48 7.58
C ASP E 25 -20.83 -10.53 7.86
N VAL E 26 -21.22 -10.72 9.12
CA VAL E 26 -22.64 -10.79 9.50
C VAL E 26 -22.97 -9.89 10.71
N ILE E 27 -23.77 -8.85 10.49
CA ILE E 27 -24.21 -7.95 11.55
C ILE E 27 -24.83 -8.69 12.70
N PRO E 28 -24.29 -8.52 13.91
CA PRO E 28 -24.90 -9.21 15.04
C PRO E 28 -26.27 -8.62 15.37
N THR E 29 -27.22 -8.73 14.44
CA THR E 29 -28.43 -7.91 14.45
C THR E 29 -29.46 -8.12 15.57
N GLN E 30 -29.59 -9.33 16.11
CA GLN E 30 -30.45 -9.57 17.28
C GLN E 30 -31.98 -9.35 17.08
N ARG E 31 -32.60 -10.26 16.31
CA ARG E 31 -34.05 -10.34 16.16
C ARG E 31 -34.66 -9.15 15.45
N ASP E 32 -34.10 -8.77 14.30
CA ASP E 32 -34.66 -7.68 13.50
C ASP E 32 -34.84 -6.35 14.25
N ARG E 33 -34.12 -6.17 15.35
CA ARG E 33 -33.92 -4.84 15.93
C ARG E 33 -32.56 -4.34 15.44
N PRO E 34 -32.38 -3.02 15.36
CA PRO E 34 -31.10 -2.52 14.83
C PRO E 34 -29.93 -2.70 15.79
N VAL E 35 -28.72 -2.85 15.27
CA VAL E 35 -27.52 -2.79 16.09
C VAL E 35 -27.35 -1.34 16.54
N ALA E 36 -27.15 -1.13 17.83
CA ALA E 36 -27.03 0.21 18.39
C ALA E 36 -25.57 0.55 18.56
N VAL E 37 -25.08 1.43 17.69
CA VAL E 37 -23.67 1.79 17.69
C VAL E 37 -23.50 3.18 18.31
N SER E 38 -22.50 3.29 19.18
CA SER E 38 -22.08 4.56 19.73
C SER E 38 -20.84 5.07 18.99
N VAL E 39 -20.85 6.35 18.61
CA VAL E 39 -19.72 6.97 17.93
C VAL E 39 -19.39 8.30 18.56
N SER E 40 -18.11 8.51 18.87
CA SER E 40 -17.68 9.71 19.56
C SER E 40 -16.23 10.03 19.18
N LEU E 41 -15.97 11.30 18.89
CA LEU E 41 -14.66 11.72 18.42
C LEU E 41 -13.93 12.54 19.48
N LYS E 42 -12.66 12.26 19.69
CA LYS E 42 -11.86 13.11 20.56
C LYS E 42 -10.74 13.70 19.72
N PHE E 43 -10.84 14.99 19.41
CA PHE E 43 -9.88 15.62 18.52
C PHE E 43 -8.55 15.74 19.21
N ILE E 44 -7.50 15.37 18.48
CA ILE E 44 -6.16 15.28 19.04
C ILE E 44 -5.25 16.33 18.40
N ASN E 45 -5.49 16.61 17.12
CA ASN E 45 -4.71 17.63 16.44
C ASN E 45 -5.35 18.10 15.15
N ILE E 46 -5.06 19.35 14.82
CA ILE E 46 -5.49 19.98 13.58
C ILE E 46 -4.20 20.38 12.90
N LEU E 47 -3.93 19.86 11.71
CA LEU E 47 -2.59 19.95 11.12
C LEU E 47 -2.50 20.96 9.98
N GLU E 48 -3.56 21.05 9.18
CA GLU E 48 -3.62 22.00 8.07
C GLU E 48 -5.06 22.42 7.85
N VAL E 49 -5.20 23.64 7.35
CA VAL E 49 -6.47 24.27 7.10
C VAL E 49 -6.32 25.06 5.80
N ASN E 50 -7.38 25.24 5.05
CA ASN E 50 -7.27 26.03 3.86
C ASN E 50 -8.58 26.79 3.60
N GLU E 51 -8.52 28.12 3.68
CA GLU E 51 -9.72 28.97 3.68
C GLU E 51 -10.27 29.08 2.27
N ILE E 52 -9.40 28.93 1.28
CA ILE E 52 -9.86 29.08 -0.09
C ILE E 52 -10.48 27.78 -0.61
N THR E 53 -9.92 26.63 -0.24
CA THR E 53 -10.44 25.37 -0.73
C THR E 53 -11.42 24.77 0.26
N ASN E 54 -11.47 25.28 1.48
CA ASN E 54 -12.38 24.73 2.50
C ASN E 54 -12.07 23.25 2.84
N GLU E 55 -10.80 22.96 3.09
CA GLU E 55 -10.35 21.61 3.41
C GLU E 55 -9.64 21.62 4.75
N VAL E 56 -9.69 20.49 5.43
CA VAL E 56 -9.21 20.40 6.79
C VAL E 56 -8.44 19.08 6.94
N ASP E 57 -7.32 19.09 7.64
CA ASP E 57 -6.57 17.85 7.89
C ASP E 57 -6.55 17.61 9.39
N VAL E 58 -7.22 16.57 9.87
CA VAL E 58 -7.28 16.37 11.31
C VAL E 58 -6.92 14.97 11.80
N VAL E 59 -6.39 14.90 13.02
CA VAL E 59 -6.17 13.65 13.73
C VAL E 59 -7.12 13.56 14.92
N PHE E 60 -7.82 12.42 15.06
CA PHE E 60 -8.80 12.22 16.12
C PHE E 60 -8.94 10.78 16.56
N TRP E 61 -9.43 10.58 17.77
CA TRP E 61 -9.78 9.23 18.21
C TRP E 61 -11.25 8.96 17.91
N GLN E 62 -11.50 7.95 17.09
CA GLN E 62 -12.85 7.56 16.76
C GLN E 62 -13.31 6.44 17.68
N GLN E 63 -13.91 6.78 18.80
CA GLN E 63 -14.37 5.76 19.74
C GLN E 63 -15.70 5.17 19.31
N THR E 64 -15.72 3.85 19.17
CA THR E 64 -16.87 3.13 18.63
C THR E 64 -17.24 1.95 19.52
N THR E 65 -18.48 1.90 20.03
CA THR E 65 -18.88 0.76 20.86
C THR E 65 -20.18 0.16 20.40
N TRP E 66 -20.31 -1.16 20.60
CA TRP E 66 -21.50 -1.92 20.21
C TRP E 66 -21.44 -3.30 20.88
N SER E 67 -22.57 -4.01 20.86
CA SER E 67 -22.63 -5.33 21.48
C SER E 67 -22.71 -6.46 20.46
N ASP E 68 -21.88 -7.48 20.67
CA ASP E 68 -22.00 -8.73 19.95
C ASP E 68 -22.24 -9.83 20.95
N ARG E 69 -23.48 -10.28 21.04
CA ARG E 69 -23.87 -11.25 22.07
C ARG E 69 -23.19 -12.61 21.87
N THR E 70 -23.06 -13.04 20.61
CA THR E 70 -22.41 -14.31 20.30
C THR E 70 -21.03 -14.44 20.95
N LEU E 71 -20.40 -13.31 21.24
CA LEU E 71 -19.01 -13.31 21.67
C LEU E 71 -18.85 -13.59 23.16
N ALA E 72 -19.96 -13.59 23.90
CA ALA E 72 -19.91 -13.68 25.37
C ALA E 72 -19.33 -15.00 25.91
N TRP E 73 -18.78 -14.93 27.12
CA TRP E 73 -18.13 -16.06 27.78
C TRP E 73 -18.23 -15.86 29.30
N ASN E 74 -17.77 -16.82 30.09
CA ASN E 74 -17.89 -16.71 31.54
C ASN E 74 -16.63 -16.14 32.19
N SER E 75 -16.76 -14.97 32.79
CA SER E 75 -15.62 -14.24 33.36
C SER E 75 -15.36 -14.57 34.84
N SER E 76 -15.99 -15.64 35.34
CA SER E 76 -15.98 -15.95 36.77
C SER E 76 -14.61 -16.46 37.22
N HIS E 77 -14.03 -17.36 36.43
CA HIS E 77 -12.69 -17.86 36.71
C HIS E 77 -11.74 -17.49 35.59
N SER E 78 -12.26 -16.74 34.62
CA SER E 78 -11.48 -16.29 33.47
C SER E 78 -11.48 -14.77 33.39
N PRO E 79 -10.66 -14.19 32.49
CA PRO E 79 -10.56 -12.73 32.36
C PRO E 79 -11.83 -12.06 31.81
N ASP E 80 -12.04 -10.82 32.27
CA ASP E 80 -13.18 -10.01 31.87
C ASP E 80 -13.10 -9.63 30.39
N GLN E 81 -11.90 -9.35 29.90
CA GLN E 81 -11.77 -8.89 28.53
C GLN E 81 -10.43 -9.15 27.87
N VAL E 82 -10.46 -9.02 26.55
CA VAL E 82 -9.35 -9.35 25.66
C VAL E 82 -9.26 -8.46 24.43
N SER E 83 -8.07 -8.40 23.87
CA SER E 83 -7.83 -7.63 22.68
C SER E 83 -7.91 -8.56 21.50
N VAL E 84 -8.70 -8.18 20.50
CA VAL E 84 -8.92 -9.02 19.33
C VAL E 84 -8.59 -8.26 18.04
N PRO E 85 -7.91 -8.91 17.09
CA PRO E 85 -7.78 -8.22 15.80
C PRO E 85 -9.16 -7.92 15.23
N ILE E 86 -9.38 -6.74 14.64
CA ILE E 86 -10.69 -6.44 14.09
C ILE E 86 -10.95 -7.24 12.81
N SER E 87 -9.89 -7.75 12.20
CA SER E 87 -10.07 -8.57 11.01
C SER E 87 -10.82 -9.84 11.41
N SER E 88 -10.87 -10.13 12.70
CA SER E 88 -11.62 -11.27 13.23
C SER E 88 -13.06 -10.99 13.71
N LEU E 89 -13.53 -9.76 13.55
CA LEU E 89 -14.85 -9.38 14.06
C LEU E 89 -15.70 -8.72 12.99
N TRP E 90 -17.01 -8.71 13.22
CA TRP E 90 -17.86 -7.80 12.48
C TRP E 90 -17.64 -6.39 13.00
N VAL E 91 -17.52 -5.44 12.08
CA VAL E 91 -17.29 -4.04 12.42
C VAL E 91 -18.29 -3.19 11.68
N PRO E 92 -18.83 -2.16 12.33
CA PRO E 92 -19.75 -1.24 11.65
C PRO E 92 -19.11 -0.61 10.39
N ASP E 93 -19.83 -0.57 9.27
CA ASP E 93 -19.28 0.00 8.04
C ASP E 93 -19.44 1.53 8.00
N LEU E 94 -18.90 2.21 9.01
CA LEU E 94 -19.02 3.64 9.13
C LEU E 94 -18.22 4.37 8.03
N ALA E 95 -18.77 5.45 7.52
CA ALA E 95 -18.05 6.33 6.59
C ALA E 95 -18.40 7.79 6.91
N ALA E 96 -17.42 8.68 6.76
CA ALA E 96 -17.67 10.09 7.00
C ALA E 96 -18.07 10.69 5.67
N TYR E 97 -19.32 11.11 5.54
CA TYR E 97 -19.89 11.58 4.28
C TYR E 97 -19.07 12.66 3.59
N ASN E 98 -18.50 13.60 4.35
CA ASN E 98 -17.77 14.69 3.69
C ASN E 98 -16.26 14.52 3.78
N ALA E 99 -15.83 13.26 3.87
CA ALA E 99 -14.41 12.92 3.79
C ALA E 99 -13.95 13.10 2.36
N ILE E 100 -12.68 13.47 2.16
CA ILE E 100 -12.14 13.58 0.82
C ILE E 100 -10.82 12.84 0.70
N SER E 101 -10.49 12.09 1.75
CA SER E 101 -9.42 11.11 1.71
C SER E 101 -9.90 9.89 2.48
N LYS E 102 -9.28 8.73 2.29
CA LYS E 102 -9.51 7.58 3.17
C LYS E 102 -8.81 7.84 4.50
N PRO E 103 -9.33 7.26 5.58
CA PRO E 103 -8.70 7.41 6.91
C PRO E 103 -7.34 6.69 7.04
N GLU E 104 -6.27 7.41 7.39
CA GLU E 104 -5.04 6.72 7.76
C GLU E 104 -5.12 6.33 9.23
N VAL E 105 -5.26 5.00 9.47
CA VAL E 105 -5.27 4.44 10.84
C VAL E 105 -3.85 4.40 11.39
N LEU E 106 -3.61 5.04 12.52
CA LEU E 106 -2.24 5.22 13.02
C LEU E 106 -1.88 4.25 14.13
N THR E 107 -2.88 3.49 14.59
CA THR E 107 -2.69 2.63 15.74
C THR E 107 -3.01 1.17 15.39
N PRO E 108 -2.52 0.22 16.20
CA PRO E 108 -2.84 -1.21 16.02
C PRO E 108 -4.33 -1.49 15.90
N GLN E 109 -4.73 -2.29 14.91
CA GLN E 109 -6.15 -2.57 14.67
C GLN E 109 -6.66 -3.74 15.53
N LEU E 110 -6.59 -3.50 16.84
CA LEU E 110 -7.14 -4.36 17.86
C LEU E 110 -8.35 -3.68 18.52
N ALA E 111 -9.41 -4.45 18.75
CA ALA E 111 -10.55 -3.95 19.52
C ALA E 111 -10.60 -4.64 20.89
N ARG E 112 -11.35 -4.06 21.84
CA ARG E 112 -11.53 -4.68 23.14
C ARG E 112 -12.91 -5.33 23.20
N VAL E 113 -12.94 -6.60 23.61
CA VAL E 113 -14.20 -7.31 23.77
C VAL E 113 -14.39 -7.77 25.21
N VAL E 114 -15.54 -7.40 25.75
CA VAL E 114 -15.90 -7.71 27.12
C VAL E 114 -16.76 -8.97 27.13
N SER E 115 -16.69 -9.74 28.21
CA SER E 115 -17.36 -11.04 28.28
C SER E 115 -18.87 -10.92 28.09
N ASP E 116 -19.41 -9.71 28.30
CA ASP E 116 -20.83 -9.45 28.07
C ASP E 116 -21.13 -9.16 26.60
N GLY E 117 -20.12 -9.28 25.74
CA GLY E 117 -20.31 -9.07 24.31
C GLY E 117 -20.17 -7.63 23.83
N GLU E 118 -19.77 -6.72 24.71
CA GLU E 118 -19.63 -5.31 24.32
C GLU E 118 -18.25 -5.05 23.71
N VAL E 119 -18.25 -4.47 22.52
CA VAL E 119 -17.01 -4.26 21.79
C VAL E 119 -16.60 -2.79 21.78
N LEU E 120 -15.34 -2.53 22.13
CA LEU E 120 -14.79 -1.18 22.02
C LEU E 120 -13.67 -1.17 20.99
N TYR E 121 -13.76 -0.27 20.03
CA TYR E 121 -12.72 -0.08 19.04
C TYR E 121 -12.46 1.40 18.90
N MET E 122 -11.24 1.84 19.25
CA MET E 122 -10.89 3.26 19.23
C MET E 122 -9.54 3.59 18.57
N PRO E 123 -9.53 3.71 17.24
CA PRO E 123 -8.29 4.06 16.55
C PRO E 123 -8.04 5.57 16.43
N SER E 124 -6.77 5.94 16.49
CA SER E 124 -6.37 7.30 16.12
C SER E 124 -6.38 7.35 14.61
N ILE E 125 -7.03 8.38 14.07
CA ILE E 125 -7.19 8.47 12.63
C ILE E 125 -6.79 9.83 12.10
N ARG E 126 -6.05 9.85 11.00
CA ARG E 126 -5.77 11.09 10.28
C ARG E 126 -6.59 11.08 9.01
N GLN E 127 -7.36 12.14 8.81
CA GLN E 127 -8.20 12.25 7.62
C GLN E 127 -8.42 13.70 7.24
N ARG E 128 -8.82 13.93 6.00
CA ARG E 128 -9.01 15.28 5.48
C ARG E 128 -10.46 15.44 5.05
N PHE E 129 -11.08 16.57 5.44
CA PHE E 129 -12.50 16.75 5.16
C PHE E 129 -12.79 18.03 4.39
N SER E 130 -13.97 18.05 3.78
CA SER E 130 -14.47 19.24 3.10
C SER E 130 -15.50 19.89 4.02
N CYS E 131 -15.22 21.08 4.50
CA CYS E 131 -16.19 21.77 5.33
C CYS E 131 -15.89 23.25 5.42
N ASP E 132 -16.77 23.96 6.13
CA ASP E 132 -16.73 25.41 6.19
C ASP E 132 -15.56 25.93 7.06
N VAL E 133 -14.58 26.57 6.42
CA VAL E 133 -13.41 27.03 7.17
C VAL E 133 -13.45 28.55 7.47
N SER E 134 -14.37 29.27 6.85
CA SER E 134 -14.52 30.69 7.12
C SER E 134 -14.56 30.96 8.63
N GLY E 135 -13.99 32.07 9.06
CA GLY E 135 -13.85 32.33 10.47
C GLY E 135 -12.62 31.74 11.17
N VAL E 136 -11.88 30.85 10.51
CA VAL E 136 -10.79 30.17 11.23
C VAL E 136 -9.73 31.16 11.76
N ASP E 137 -9.54 32.29 11.11
CA ASP E 137 -8.56 33.29 11.57
C ASP E 137 -9.15 34.37 12.47
N THR E 138 -10.42 34.31 12.82
CA THR E 138 -10.98 35.28 13.77
C THR E 138 -11.06 34.67 15.16
N GLU E 139 -11.55 35.44 16.13
CA GLU E 139 -11.64 34.95 17.50
C GLU E 139 -12.90 34.12 17.69
N SER E 140 -13.93 34.43 16.92
CA SER E 140 -15.15 33.61 16.95
C SER E 140 -14.84 32.18 16.48
N GLY E 141 -13.88 32.07 15.55
CA GLY E 141 -13.45 30.80 15.02
C GLY E 141 -14.28 30.29 13.84
N ALA E 142 -13.90 29.14 13.33
CA ALA E 142 -14.71 28.44 12.34
C ALA E 142 -15.51 27.31 12.99
N THR E 143 -16.52 26.81 12.28
CA THR E 143 -17.32 25.68 12.73
C THR E 143 -17.39 24.66 11.62
N CYS E 144 -16.55 23.64 11.70
CA CYS E 144 -16.52 22.59 10.70
C CYS E 144 -17.35 21.39 11.15
N ARG E 145 -18.25 20.91 10.28
CA ARG E 145 -19.16 19.80 10.60
C ARG E 145 -18.76 18.52 9.88
N ILE E 146 -18.59 17.42 10.63
CA ILE E 146 -18.29 16.11 10.07
C ILE E 146 -19.46 15.20 10.35
N LYS E 147 -19.95 14.52 9.31
CA LYS E 147 -21.09 13.62 9.45
C LYS E 147 -20.67 12.13 9.30
N ILE E 148 -20.96 11.33 10.34
CA ILE E 148 -20.61 9.89 10.32
C ILE E 148 -21.85 8.99 10.48
N GLY E 149 -22.05 8.08 9.52
CA GLY E 149 -23.11 7.08 9.59
C GLY E 149 -22.69 5.77 8.93
N SER E 150 -23.57 4.78 8.93
CA SER E 150 -23.35 3.55 8.15
C SER E 150 -23.57 3.82 6.67
N TRP E 151 -22.84 3.11 5.82
CA TRP E 151 -22.97 3.36 4.39
C TRP E 151 -24.03 2.49 3.78
N THR E 152 -24.20 1.29 4.33
CA THR E 152 -25.05 0.27 3.72
C THR E 152 -26.13 -0.31 4.65
N HIS E 153 -26.08 0.04 5.93
CA HIS E 153 -27.10 -0.41 6.83
C HIS E 153 -28.00 0.75 7.24
N HIS E 154 -29.27 0.68 6.80
CA HIS E 154 -30.24 1.72 7.16
C HIS E 154 -30.74 1.63 8.60
N SER E 155 -31.74 2.46 8.88
CA SER E 155 -32.25 2.71 10.22
C SER E 155 -32.63 1.46 10.99
N ARG E 156 -33.24 0.50 10.30
CA ARG E 156 -33.70 -0.75 10.91
C ARG E 156 -32.55 -1.70 11.22
N GLU E 157 -31.51 -1.67 10.40
CA GLU E 157 -30.31 -2.48 10.58
C GLU E 157 -29.30 -1.87 11.55
N ILE E 158 -29.02 -0.57 11.43
CA ILE E 158 -27.99 0.05 12.26
C ILE E 158 -28.43 1.41 12.80
N SER E 159 -28.22 1.65 14.09
CA SER E 159 -28.50 2.95 14.67
C SER E 159 -27.24 3.53 15.28
N VAL E 160 -26.92 4.79 14.98
CA VAL E 160 -25.77 5.43 15.61
C VAL E 160 -26.24 6.52 16.54
N ASP E 161 -25.64 6.55 17.72
CA ASP E 161 -25.97 7.56 18.72
C ASP E 161 -24.68 8.14 19.26
N PRO E 162 -24.65 9.46 19.48
CA PRO E 162 -23.46 10.03 20.09
C PRO E 162 -23.48 9.73 21.58
N THR E 163 -22.31 9.62 22.20
CA THR E 163 -22.22 9.40 23.63
C THR E 163 -20.94 10.00 24.19
N ASP E 168 -14.45 16.71 28.52
CA ASP E 168 -13.70 17.90 28.12
C ASP E 168 -13.21 17.81 26.68
N ASP E 169 -13.47 18.85 25.92
CA ASP E 169 -13.25 18.83 24.48
C ASP E 169 -11.77 19.02 24.11
N SER E 170 -11.01 19.64 25.01
CA SER E 170 -9.58 19.80 24.77
C SER E 170 -8.81 18.86 25.68
N GLU E 171 -9.50 17.86 26.21
CA GLU E 171 -8.91 16.91 27.14
C GLU E 171 -7.69 16.23 26.52
N TYR E 172 -7.79 15.88 25.24
CA TYR E 172 -6.67 15.21 24.60
C TYR E 172 -6.13 15.99 23.41
N PHE E 173 -6.41 17.28 23.33
CA PHE E 173 -5.97 18.04 22.18
C PHE E 173 -4.52 18.42 22.39
N SER E 174 -3.74 18.52 21.32
CA SER E 174 -2.30 18.74 21.46
C SER E 174 -2.01 20.21 21.71
N GLN E 175 -1.13 20.49 22.66
CA GLN E 175 -0.84 21.87 22.98
C GLN E 175 0.16 22.46 22.00
N TYR E 176 0.71 21.63 21.13
CA TYR E 176 1.68 22.14 20.17
C TYR E 176 1.02 22.43 18.82
N SER E 177 -0.25 22.03 18.69
CA SER E 177 -1.05 22.45 17.55
C SER E 177 -1.04 23.98 17.44
N ARG E 178 -1.19 24.53 16.26
CA ARG E 178 -1.31 25.97 16.23
C ARG E 178 -2.77 26.39 16.11
N PHE E 179 -3.66 25.44 16.39
CA PHE E 179 -5.08 25.72 16.49
C PHE E 179 -5.54 25.37 17.90
N GLU E 180 -6.77 25.74 18.22
CA GLU E 180 -7.38 25.44 19.51
C GLU E 180 -8.88 25.26 19.35
N ILE E 181 -9.46 24.46 20.24
CA ILE E 181 -10.89 24.12 20.20
C ILE E 181 -11.71 25.03 21.10
N LEU E 182 -12.73 25.66 20.51
CA LEU E 182 -13.65 26.50 21.27
C LEU E 182 -14.79 25.66 21.82
N ASP E 183 -15.16 24.61 21.08
CA ASP E 183 -16.25 23.74 21.51
C ASP E 183 -16.48 22.62 20.51
N VAL E 184 -16.88 21.47 21.03
CA VAL E 184 -17.30 20.35 20.20
C VAL E 184 -18.70 19.97 20.63
N THR E 185 -19.57 19.79 19.65
CA THR E 185 -20.97 19.41 19.88
C THR E 185 -21.31 18.29 18.90
N GLN E 186 -22.20 17.38 19.31
CA GLN E 186 -22.50 16.20 18.49
C GLN E 186 -23.99 15.85 18.53
N LYS E 187 -24.65 15.97 17.38
CA LYS E 187 -26.10 15.70 17.33
C LYS E 187 -26.46 14.58 16.34
N LYS E 188 -27.55 13.88 16.64
CA LYS E 188 -28.00 12.75 15.84
C LYS E 188 -28.83 13.23 14.65
N ASN E 189 -28.94 12.38 13.64
CA ASN E 189 -29.66 12.71 12.41
C ASN E 189 -30.05 11.46 11.65
N SER E 190 -31.05 11.58 10.78
CA SER E 190 -31.55 10.44 10.02
C SER E 190 -31.98 10.96 8.66
N VAL E 191 -31.36 10.49 7.58
CA VAL E 191 -31.72 11.05 6.28
C VAL E 191 -32.08 10.00 5.23
N THR E 192 -33.09 10.34 4.44
CA THR E 192 -33.51 9.54 3.32
C THR E 192 -32.95 10.20 2.07
N TYR E 193 -32.44 9.39 1.14
CA TYR E 193 -31.84 9.95 -0.07
C TYR E 193 -32.77 9.79 -1.24
N SER E 194 -32.47 10.50 -2.30
CA SER E 194 -33.27 10.49 -3.51
C SER E 194 -33.39 9.09 -4.09
N CYS E 195 -32.31 8.33 -4.01
CA CYS E 195 -32.23 7.03 -4.66
C CYS E 195 -33.16 5.97 -4.03
N CYS E 196 -33.21 5.94 -2.71
CA CYS E 196 -33.81 4.80 -2.03
C CYS E 196 -34.69 5.22 -0.86
N PRO E 197 -35.64 4.35 -0.51
CA PRO E 197 -36.72 4.65 0.44
C PRO E 197 -36.30 4.55 1.91
N GLU E 198 -35.34 3.68 2.21
CA GLU E 198 -34.88 3.49 3.59
C GLU E 198 -34.16 4.73 4.13
N ALA E 199 -34.14 4.91 5.45
CA ALA E 199 -33.42 6.05 6.03
C ALA E 199 -32.10 5.64 6.65
N TYR E 200 -31.12 6.55 6.69
CA TYR E 200 -29.82 6.28 7.30
C TYR E 200 -29.53 7.23 8.43
N GLU E 201 -28.98 6.73 9.53
CA GLU E 201 -28.63 7.56 10.66
C GLU E 201 -27.19 8.01 10.57
N ASP E 202 -26.91 9.24 11.02
CA ASP E 202 -25.54 9.71 11.16
C ASP E 202 -25.42 10.49 12.44
N VAL E 203 -24.18 10.72 12.87
CA VAL E 203 -23.92 11.62 13.96
C VAL E 203 -23.28 12.83 13.32
N GLU E 204 -23.79 14.02 13.63
CA GLU E 204 -23.19 15.25 13.13
C GLU E 204 -22.30 15.80 14.22
N VAL E 205 -21.04 16.07 13.88
CA VAL E 205 -20.07 16.60 14.83
C VAL E 205 -19.63 17.98 14.42
N SER E 206 -19.79 18.93 15.32
CA SER E 206 -19.44 20.32 15.04
C SER E 206 -18.15 20.72 15.74
N LEU E 207 -17.08 20.88 14.96
CA LEU E 207 -15.82 21.28 15.53
C LEU E 207 -15.73 22.80 15.41
N ASN E 208 -15.80 23.48 16.55
CA ASN E 208 -15.59 24.92 16.54
C ASN E 208 -14.19 25.24 17.05
N PHE E 209 -13.32 25.70 16.15
CA PHE E 209 -11.90 25.92 16.45
C PHE E 209 -11.39 27.25 15.83
N ARG E 210 -10.22 27.73 16.23
CA ARG E 210 -9.62 28.94 15.63
C ARG E 210 -8.09 28.84 15.61
N LYS E 211 -7.40 29.68 14.83
CA LYS E 211 -5.93 29.70 14.88
C LYS E 211 -5.48 30.37 16.19
N LYS E 212 -4.44 29.84 16.82
CA LYS E 212 -3.91 30.53 17.98
C LYS E 212 -3.11 31.73 17.51
#